data_7Q4Q
#
_entry.id   7Q4Q
#
_cell.length_a   64.549
_cell.length_b   76.978
_cell.length_c   217.731
_cell.angle_alpha   90.00
_cell.angle_beta   90.00
_cell.angle_gamma   90.00
#
_symmetry.space_group_name_H-M   'P 21 21 21'
#
loop_
_entity.id
_entity.type
_entity.pdbx_description
1 polymer 'Magacizumab light chain'
2 polymer 'Magacizumab heavy chain'
3 polymer 'LRG1 epitope'
4 non-polymer 2-AMINO-2-HYDROXYMETHYL-PROPANE-1,3-DIOL
5 water water
#
loop_
_entity_poly.entity_id
_entity_poly.type
_entity_poly.pdbx_seq_one_letter_code
_entity_poly.pdbx_strand_id
1 'polypeptide(L)'
;DIVLTQSPDSLAVSLGERATISCRASQSVSTSGYSFMHWYQQKPGQPPKLLIKYASNLESGVPARFSGSGSGTDFTLTIS
SLQPEDFATYYCQHSWEMPLTFGQGTKLEIKRTVAAPSVFIFPPSDEQLKSGTASVVCLLNNFYPREAKVQWKVDNALQS
GNSQESVTEQDSKDSTYSLSSTLTLSKADYEKHKVYACEVTHQGLSSPVTKSFNRGEC
;
A,C
2 'polypeptide(L)'
;QVQLVQSGAEVKKPGSSVKVSCKASGYTFSGYWMNWVRQAPGQGLEWIGQIYPGDGDTNYNGKFKGRVTITADKSTSTAY
MELSSLRSEDTAVYYCARSITTVVLDYWGQGTTVTVSSASTKGPSVFPLAPCSRSTSESTAALGCLVKDYFPEPVTVSWN
SGALTSGVHTFPAVLQSSGLYSLSSVVTVPSSSLGTKTYTCNVDHKPSNTKVDKRVESKY
;
B,D
3 'polypeptide(L)' GNKLQVLGKDLLLPQ E,F
#
# COMPACT_ATOMS: atom_id res chain seq x y z
N ASP A 1 31.31 31.56 33.16
CA ASP A 1 30.07 31.01 33.67
C ASP A 1 30.32 29.65 34.31
N ILE A 2 29.47 29.27 35.25
CA ILE A 2 29.59 27.98 35.89
C ILE A 2 29.09 26.90 34.95
N VAL A 3 29.84 25.81 34.85
CA VAL A 3 29.44 24.62 34.09
C VAL A 3 29.05 23.52 35.07
N LEU A 4 27.85 22.97 34.89
CA LEU A 4 27.35 21.85 35.70
C LEU A 4 27.36 20.60 34.84
N THR A 5 28.09 19.58 35.28
CA THR A 5 28.22 18.34 34.53
C THR A 5 27.59 17.21 35.33
N GLN A 6 26.51 16.64 34.79
CA GLN A 6 25.84 15.53 35.47
C GLN A 6 26.39 14.18 35.03
N SER A 7 26.21 13.19 35.89
CA SER A 7 26.62 11.81 35.58
C SER A 7 25.59 10.86 36.17
N PRO A 8 25.21 9.81 35.44
CA PRO A 8 25.51 9.56 34.02
C PRO A 8 24.57 10.38 33.13
N ASP A 9 24.74 10.32 31.81
CA ASP A 9 23.81 11.03 30.94
C ASP A 9 22.47 10.32 30.83
N SER A 10 22.49 8.99 30.83
CA SER A 10 21.30 8.16 30.82
C SER A 10 21.50 7.08 31.85
N LEU A 11 20.43 6.74 32.55
CA LEU A 11 20.50 5.82 33.65
C LEU A 11 19.27 4.95 33.59
N ALA A 12 19.45 3.62 33.60
CA ALA A 12 18.35 2.68 33.62
C ALA A 12 18.35 1.95 34.96
N VAL A 13 17.25 2.05 35.69
CA VAL A 13 17.13 1.46 37.01
C VAL A 13 15.85 0.63 37.04
N SER A 14 15.91 -0.52 37.69
CA SER A 14 14.75 -1.38 37.79
C SER A 14 13.75 -0.78 38.78
N LEU A 15 12.46 -1.06 38.54
CA LEU A 15 11.43 -0.60 39.46
C LEU A 15 11.73 -1.09 40.87
N GLY A 16 11.55 -0.21 41.85
CA GLY A 16 11.82 -0.54 43.22
C GLY A 16 13.26 -0.41 43.67
N GLU A 17 14.19 -0.20 42.75
CA GLU A 17 15.60 -0.05 43.09
C GLU A 17 15.96 1.42 43.20
N ARG A 18 17.18 1.66 43.68
CA ARG A 18 17.66 3.01 43.96
C ARG A 18 18.35 3.60 42.75
N ALA A 19 18.05 4.85 42.46
CA ALA A 19 18.73 5.59 41.39
C ALA A 19 19.55 6.71 42.02
N THR A 20 20.77 6.88 41.52
CA THR A 20 21.69 7.90 42.05
C THR A 20 22.22 8.71 40.89
N ILE A 21 21.98 10.02 40.95
CA ILE A 21 22.35 10.97 39.90
C ILE A 21 23.30 12.01 40.52
N SER A 22 24.40 12.29 39.83
CA SER A 22 25.43 13.19 40.35
C SER A 22 25.52 14.47 39.53
N CYS A 23 25.92 15.56 40.19
CA CYS A 23 26.11 16.83 39.49
C CYS A 23 27.41 17.43 40.02
N ARG A 24 28.36 17.69 39.13
CA ARG A 24 29.63 18.31 39.52
C ARG A 24 29.69 19.73 38.97
N ALA A 25 29.93 20.69 39.85
CA ALA A 25 30.08 22.08 39.47
C ALA A 25 31.53 22.42 39.19
N SER A 26 31.75 23.32 38.23
CA SER A 26 33.10 23.72 37.85
C SER A 26 33.76 24.57 38.93
N GLN A 27 33.00 25.05 39.91
CA GLN A 27 33.56 25.70 41.09
C GLN A 27 32.65 25.38 42.27
N SER A 28 33.15 25.61 43.48
CA SER A 28 32.32 25.39 44.65
C SER A 28 31.13 26.34 44.63
N VAL A 29 29.96 25.83 45.00
CA VAL A 29 28.80 26.71 45.13
C VAL A 29 28.26 26.66 46.56
N SER A 30 29.16 26.41 47.52
CA SER A 30 28.80 26.39 48.93
C SER A 30 29.60 27.44 49.68
N THR A 31 28.93 28.10 50.62
CA THR A 31 29.58 29.03 51.52
C THR A 31 28.65 29.34 52.69
N SER A 32 29.25 29.59 53.86
CA SER A 32 28.51 29.94 55.09
C SER A 32 27.45 28.90 55.46
N GLY A 33 27.70 27.63 55.09
CA GLY A 33 26.76 26.57 55.36
C GLY A 33 25.66 26.40 54.33
N TYR A 34 25.54 27.33 53.39
CA TYR A 34 24.60 27.24 52.28
C TYR A 34 25.21 26.45 51.13
N SER A 35 24.37 25.68 50.42
CA SER A 35 24.75 25.07 49.15
C SER A 35 23.78 25.55 48.08
N PHE A 36 24.27 26.34 47.14
CA PHE A 36 23.42 27.01 46.16
C PHE A 36 23.21 26.12 44.94
N MET A 37 22.61 24.96 45.18
CA MET A 37 22.34 23.99 44.14
C MET A 37 20.94 23.44 44.32
N HIS A 38 20.22 23.27 43.20
CA HIS A 38 18.84 22.81 43.28
C HIS A 38 18.59 21.80 42.17
N TRP A 39 17.50 21.04 42.31
CA TRP A 39 17.19 19.95 41.39
C TRP A 39 15.78 20.09 40.83
N TYR A 40 15.63 19.84 39.52
CA TYR A 40 14.36 19.84 38.80
C TYR A 40 14.12 18.49 38.13
N GLN A 41 12.85 18.19 37.93
CA GLN A 41 12.38 17.00 37.21
C GLN A 41 11.57 17.44 36.00
N GLN A 42 11.84 16.86 34.83
CA GLN A 42 11.10 17.20 33.63
C GLN A 42 10.60 15.96 32.91
N LYS A 43 9.32 15.93 32.63
CA LYS A 43 8.74 14.90 31.77
C LYS A 43 8.41 15.48 30.41
N PRO A 44 8.45 14.65 29.35
CA PRO A 44 8.23 15.17 27.99
C PRO A 44 6.89 15.89 27.89
N GLY A 45 6.90 17.02 27.18
CA GLY A 45 5.71 17.82 26.99
C GLY A 45 5.38 18.76 28.12
N GLN A 46 6.17 18.75 29.19
CA GLN A 46 5.94 19.54 30.39
C GLN A 46 7.15 20.39 30.72
N PRO A 47 6.95 21.51 31.41
CA PRO A 47 8.09 22.27 31.93
C PRO A 47 8.80 21.49 33.04
N PRO A 48 10.03 21.87 33.37
CA PRO A 48 10.67 21.32 34.56
C PRO A 48 9.89 21.69 35.81
N LYS A 49 10.06 20.86 36.83
CA LYS A 49 9.40 21.01 38.12
C LYS A 49 10.46 21.02 39.20
N LEU A 50 10.46 22.06 40.03
CA LEU A 50 11.41 22.13 41.13
C LEU A 50 11.12 21.02 42.14
N LEU A 51 12.15 20.22 42.46
CA LEU A 51 12.03 19.12 43.42
C LEU A 51 12.77 19.38 44.72
N ILE A 52 14.00 19.88 44.65
CA ILE A 52 14.85 20.05 45.81
C ILE A 52 15.49 21.43 45.76
N LYS A 53 15.42 22.17 46.86
CA LYS A 53 16.04 23.48 47.01
C LYS A 53 17.21 23.39 47.98
N TYR A 54 18.28 24.12 47.68
CA TYR A 54 19.45 24.21 48.54
C TYR A 54 19.97 22.83 48.92
N ALA A 55 20.16 22.00 47.89
CA ALA A 55 20.83 20.70 47.93
C ALA A 55 20.01 19.59 48.58
N SER A 56 19.32 19.85 49.69
CA SER A 56 18.71 18.76 50.45
C SER A 56 17.25 18.98 50.87
N ASN A 57 16.62 20.11 50.53
CA ASN A 57 15.30 20.44 51.04
C ASN A 57 14.22 20.10 50.01
N LEU A 58 13.40 19.10 50.33
CA LEU A 58 12.30 18.68 49.46
C LEU A 58 11.23 19.77 49.40
N GLU A 59 10.79 20.09 48.19
CA GLU A 59 9.62 20.94 48.01
C GLU A 59 8.38 20.23 48.53
N SER A 60 7.37 21.04 48.89
CA SER A 60 6.11 20.48 49.37
C SER A 60 5.50 19.56 48.32
N GLY A 61 5.00 18.41 48.78
CA GLY A 61 4.38 17.44 47.90
C GLY A 61 5.33 16.44 47.27
N VAL A 62 6.64 16.64 47.38
CA VAL A 62 7.60 15.71 46.79
C VAL A 62 7.71 14.47 47.67
N PRO A 63 7.61 13.26 47.11
CA PRO A 63 7.67 12.05 47.92
C PRO A 63 9.01 11.91 48.64
N ALA A 64 8.96 11.27 49.80
CA ALA A 64 10.14 11.11 50.66
C ALA A 64 11.20 10.17 50.07
N ARG A 65 10.87 9.40 49.02
CA ARG A 65 11.90 8.57 48.42
C ARG A 65 12.96 9.40 47.70
N PHE A 66 12.68 10.68 47.44
CA PHE A 66 13.66 11.62 46.90
C PHE A 66 14.48 12.21 48.03
N SER A 67 15.79 12.29 47.82
CA SER A 67 16.64 13.01 48.75
C SER A 67 17.83 13.58 47.99
N GLY A 68 18.36 14.68 48.49
CA GLY A 68 19.54 15.27 47.89
C GLY A 68 20.60 15.50 48.95
N SER A 69 21.85 15.45 48.51
CA SER A 69 22.97 15.67 49.43
C SER A 69 24.12 16.31 48.68
N GLY A 70 25.15 16.67 49.43
CA GLY A 70 26.39 17.17 48.87
C GLY A 70 26.70 18.59 49.30
N SER A 71 27.85 19.06 48.85
CA SER A 71 28.33 20.39 49.17
C SER A 71 29.54 20.66 48.28
N GLY A 72 29.88 21.94 48.16
CA GLY A 72 31.05 22.34 47.40
C GLY A 72 30.85 22.18 45.91
N THR A 73 31.59 21.26 45.31
CA THR A 73 31.47 21.00 43.88
C THR A 73 30.64 19.78 43.54
N ASP A 74 30.21 18.98 44.51
CA ASP A 74 29.58 17.71 44.17
C ASP A 74 28.26 17.50 44.90
N PHE A 75 27.22 17.18 44.13
CA PHE A 75 25.86 17.06 44.63
C PHE A 75 25.22 15.81 44.07
N THR A 76 24.34 15.22 44.86
CA THR A 76 23.75 13.93 44.54
C THR A 76 22.26 13.98 44.74
N LEU A 77 21.52 13.46 43.76
CA LEU A 77 20.09 13.23 43.87
C LEU A 77 19.88 11.72 43.93
N THR A 78 19.19 11.26 44.96
CA THR A 78 18.95 9.83 45.12
C THR A 78 17.46 9.57 45.21
N ILE A 79 16.98 8.55 44.49
CA ILE A 79 15.61 8.07 44.61
C ILE A 79 15.70 6.66 45.17
N SER A 80 15.11 6.44 46.36
CA SER A 80 15.42 5.22 47.12
C SER A 80 14.67 4.00 46.61
N SER A 81 13.52 4.20 45.95
CA SER A 81 12.67 3.08 45.54
C SER A 81 11.90 3.54 44.29
N LEU A 82 12.49 3.30 43.12
CA LEU A 82 11.98 3.85 41.88
C LEU A 82 10.53 3.43 41.62
N GLN A 83 9.68 4.41 41.32
CA GLN A 83 8.31 4.19 40.89
C GLN A 83 8.16 4.54 39.41
N PRO A 84 7.13 4.03 38.72
CA PRO A 84 7.00 4.34 37.28
C PRO A 84 6.92 5.83 36.98
N GLU A 85 6.32 6.64 37.86
CA GLU A 85 6.19 8.06 37.63
C GLU A 85 7.51 8.82 37.78
N ASP A 86 8.58 8.15 38.19
CA ASP A 86 9.88 8.80 38.36
C ASP A 86 10.70 8.84 37.08
N PHE A 87 10.29 8.08 36.05
CA PHE A 87 10.83 8.14 34.70
C PHE A 87 10.72 9.57 34.19
N ALA A 88 11.86 10.25 34.02
CA ALA A 88 11.92 11.67 33.71
C ALA A 88 13.39 12.04 33.49
N THR A 89 13.63 13.28 33.06
CA THR A 89 14.97 13.83 32.99
C THR A 89 15.16 14.77 34.18
N TYR A 90 16.30 14.66 34.84
CA TYR A 90 16.59 15.46 36.03
C TYR A 90 17.71 16.43 35.73
N TYR A 91 17.57 17.67 36.24
CA TYR A 91 18.52 18.75 36.00
C TYR A 91 18.94 19.38 37.31
N CYS A 92 20.23 19.64 37.46
CA CYS A 92 20.66 20.54 38.53
C CYS A 92 20.77 21.97 38.02
N GLN A 93 20.66 22.91 38.96
CA GLN A 93 20.75 24.35 38.70
C GLN A 93 21.45 24.98 39.88
N HIS A 94 22.41 25.87 39.61
CA HIS A 94 23.03 26.64 40.69
C HIS A 94 22.37 28.00 40.84
N SER A 95 22.52 28.59 42.02
CA SER A 95 22.16 29.99 42.24
C SER A 95 23.33 30.71 42.88
N TRP A 96 24.53 30.48 42.34
CA TRP A 96 25.73 31.12 42.86
C TRP A 96 25.90 32.54 42.31
N GLU A 97 25.45 32.75 41.08
CA GLU A 97 25.71 33.98 40.33
C GLU A 97 24.84 33.96 39.08
N MET A 98 24.74 35.13 38.45
CA MET A 98 24.23 35.23 37.09
C MET A 98 25.40 35.08 36.13
N PRO A 99 25.19 34.38 35.01
CA PRO A 99 23.91 33.77 34.60
C PRO A 99 23.65 32.45 35.30
N LEU A 100 22.40 32.20 35.66
CA LEU A 100 22.05 30.85 36.10
C LEU A 100 22.36 29.86 34.99
N THR A 101 22.90 28.70 35.38
CA THR A 101 23.13 27.62 34.43
C THR A 101 22.61 26.31 35.00
N PHE A 102 22.34 25.38 34.09
CA PHE A 102 21.77 24.07 34.37
C PHE A 102 22.74 23.00 33.90
N GLY A 103 22.73 21.87 34.58
CA GLY A 103 23.36 20.67 34.06
C GLY A 103 22.71 20.24 32.76
N GLN A 104 23.38 19.31 32.07
CA GLN A 104 22.91 18.89 30.76
C GLN A 104 21.73 17.94 30.83
N GLY A 105 21.39 17.46 32.02
CA GLY A 105 20.29 16.54 32.23
C GLY A 105 20.71 15.09 32.30
N THR A 106 20.05 14.33 33.17
CA THR A 106 20.20 12.88 33.26
C THR A 106 18.85 12.26 33.00
N LYS A 107 18.73 11.45 31.96
CA LYS A 107 17.47 10.83 31.61
C LYS A 107 17.37 9.48 32.33
N LEU A 108 16.38 9.35 33.20
CA LEU A 108 16.20 8.17 34.03
C LEU A 108 15.12 7.29 33.40
N GLU A 109 15.49 6.05 33.05
CA GLU A 109 14.57 5.16 32.37
C GLU A 109 14.46 3.86 33.14
N ILE A 110 13.47 3.05 32.76
CA ILE A 110 13.18 1.82 33.49
C ILE A 110 14.02 0.69 32.89
N LYS A 111 14.82 0.05 33.74
CA LYS A 111 15.54 -1.15 33.34
C LYS A 111 14.58 -2.34 33.36
N ARG A 112 14.67 -3.17 32.32
CA ARG A 112 13.91 -4.40 32.23
C ARG A 112 14.83 -5.47 31.65
N THR A 113 14.31 -6.68 31.49
CA THR A 113 15.13 -7.74 30.90
C THR A 113 15.37 -7.49 29.42
N VAL A 114 16.44 -8.13 28.91
CA VAL A 114 16.77 -7.99 27.49
C VAL A 114 15.64 -8.56 26.64
N ALA A 115 15.28 -7.84 25.58
CA ALA A 115 14.27 -8.28 24.62
C ALA A 115 14.80 -8.04 23.21
N ALA A 116 14.85 -9.10 22.41
CA ALA A 116 15.29 -8.97 21.03
C ALA A 116 14.23 -8.24 20.18
N PRO A 117 14.66 -7.43 19.22
CA PRO A 117 13.69 -6.81 18.30
C PRO A 117 13.10 -7.85 17.35
N SER A 118 11.82 -7.66 17.04
CA SER A 118 11.24 -8.24 15.84
C SER A 118 11.51 -7.29 14.70
N VAL A 119 12.08 -7.80 13.61
CA VAL A 119 12.53 -6.96 12.50
C VAL A 119 11.63 -7.18 11.28
N PHE A 120 11.27 -6.09 10.61
CA PHE A 120 10.43 -6.13 9.41
C PHE A 120 10.98 -5.16 8.39
N ILE A 121 10.94 -5.54 7.11
CA ILE A 121 11.34 -4.63 6.04
C ILE A 121 10.14 -4.38 5.13
N PHE A 122 10.03 -3.14 4.66
CA PHE A 122 8.93 -2.72 3.78
C PHE A 122 9.49 -2.14 2.49
N PRO A 123 9.07 -2.60 1.34
CA PRO A 123 9.55 -2.03 0.09
C PRO A 123 8.88 -0.70 -0.17
N PRO A 124 9.40 0.09 -1.11
CA PRO A 124 8.68 1.29 -1.53
C PRO A 124 7.41 0.92 -2.27
N SER A 125 6.42 1.78 -2.12
CA SER A 125 5.14 1.60 -2.79
C SER A 125 5.22 2.00 -4.25
N ASP A 126 4.39 1.36 -5.08
CA ASP A 126 4.35 1.75 -6.49
C ASP A 126 3.93 3.21 -6.63
N GLU A 127 3.06 3.69 -5.75
CA GLU A 127 2.62 5.08 -5.80
C GLU A 127 3.79 6.03 -5.61
N GLN A 128 4.65 5.75 -4.63
CA GLN A 128 5.81 6.63 -4.41
C GLN A 128 6.76 6.59 -5.59
N LEU A 129 7.00 5.39 -6.13
CA LEU A 129 7.91 5.24 -7.26
C LEU A 129 7.48 6.10 -8.44
N LYS A 130 6.17 6.26 -8.65
CA LYS A 130 5.65 7.17 -9.66
C LYS A 130 6.27 8.56 -9.56
N SER A 131 6.55 9.01 -8.34
CA SER A 131 6.98 10.38 -8.08
C SER A 131 8.49 10.57 -8.17
N GLY A 132 9.24 9.52 -8.44
CA GLY A 132 10.68 9.63 -8.60
C GLY A 132 11.53 9.36 -7.38
N THR A 133 10.95 8.84 -6.30
CA THR A 133 11.72 8.56 -5.09
C THR A 133 11.31 7.20 -4.55
N ALA A 134 12.23 6.53 -3.88
CA ALA A 134 11.96 5.26 -3.24
C ALA A 134 12.42 5.30 -1.80
N SER A 135 11.49 5.12 -0.86
CA SER A 135 11.80 4.98 0.55
C SER A 135 11.67 3.52 0.95
N VAL A 136 12.71 2.96 1.56
CA VAL A 136 12.69 1.60 2.08
C VAL A 136 12.76 1.70 3.58
N VAL A 137 11.88 1.00 4.29
CA VAL A 137 11.77 1.15 5.74
C VAL A 137 12.10 -0.16 6.44
N CYS A 138 12.91 -0.06 7.49
CA CYS A 138 13.23 -1.20 8.35
C CYS A 138 12.69 -0.90 9.73
N LEU A 139 11.90 -1.81 10.29
CA LEU A 139 11.30 -1.64 11.61
C LEU A 139 11.91 -2.64 12.59
N LEU A 140 12.33 -2.13 13.74
CA LEU A 140 12.76 -2.97 14.87
C LEU A 140 11.74 -2.74 15.96
N ASN A 141 10.98 -3.78 16.30
CA ASN A 141 9.84 -3.62 17.20
C ASN A 141 10.13 -4.21 18.56
N ASN A 142 9.86 -3.41 19.61
CA ASN A 142 9.72 -3.85 21.01
C ASN A 142 10.99 -4.54 21.52
N PHE A 143 12.06 -3.78 21.63
CA PHE A 143 13.34 -4.34 22.06
C PHE A 143 13.87 -3.60 23.28
N TYR A 144 14.80 -4.25 23.97
CA TYR A 144 15.48 -3.65 25.12
C TYR A 144 16.83 -4.33 25.31
N PRO A 145 17.89 -3.55 25.58
CA PRO A 145 17.95 -2.10 25.74
C PRO A 145 17.98 -1.32 24.42
N ARG A 146 18.29 -0.02 24.50
CA ARG A 146 18.07 0.85 23.36
C ARG A 146 19.12 0.64 22.28
N GLU A 147 20.35 0.27 22.63
CA GLU A 147 21.39 0.17 21.62
C GLU A 147 21.06 -0.88 20.59
N ALA A 148 21.19 -0.51 19.33
CA ALA A 148 20.92 -1.40 18.22
C ALA A 148 21.64 -0.80 17.02
N LYS A 149 22.14 -1.66 16.16
CA LYS A 149 22.85 -1.22 14.97
C LYS A 149 22.05 -1.70 13.79
N VAL A 150 21.73 -0.78 12.88
CA VAL A 150 20.97 -1.11 11.67
C VAL A 150 21.82 -0.68 10.50
N GLN A 151 22.15 -1.62 9.62
CA GLN A 151 22.92 -1.33 8.41
C GLN A 151 22.12 -1.71 7.19
N TRP A 152 22.14 -0.83 6.19
CA TRP A 152 21.46 -1.09 4.93
C TRP A 152 22.45 -1.63 3.90
N LYS A 153 22.01 -2.65 3.17
CA LYS A 153 22.76 -3.22 2.05
C LYS A 153 21.91 -3.16 0.80
N VAL A 154 22.51 -2.72 -0.30
CA VAL A 154 21.85 -2.71 -1.60
C VAL A 154 22.77 -3.48 -2.53
N ASP A 155 22.30 -4.63 -3.03
CA ASP A 155 23.17 -5.56 -3.78
C ASP A 155 24.49 -5.78 -3.06
N ASN A 156 24.40 -5.97 -1.73
CA ASN A 156 25.51 -6.23 -0.82
C ASN A 156 26.46 -5.04 -0.65
N ALA A 157 26.12 -3.86 -1.15
CA ALA A 157 26.88 -2.64 -0.88
C ALA A 157 26.37 -1.98 0.40
N LEU A 158 27.28 -1.72 1.34
CA LEU A 158 26.90 -1.00 2.55
C LEU A 158 26.53 0.44 2.22
N GLN A 159 25.37 0.91 2.73
CA GLN A 159 24.88 2.26 2.45
C GLN A 159 25.30 3.23 3.53
N SER A 160 25.67 4.44 3.11
CA SER A 160 26.11 5.46 4.05
C SER A 160 25.54 6.80 3.59
N GLY A 161 24.99 7.56 4.53
CA GLY A 161 24.58 8.93 4.26
C GLY A 161 23.21 9.10 3.64
N ASN A 162 22.49 8.00 3.41
CA ASN A 162 21.19 8.04 2.76
C ASN A 162 20.10 7.40 3.61
N SER A 163 20.33 7.26 4.91
CA SER A 163 19.29 6.75 5.80
C SER A 163 19.19 7.60 7.06
N GLN A 164 18.00 7.58 7.67
CA GLN A 164 17.76 8.26 8.94
C GLN A 164 16.97 7.33 9.86
N GLU A 165 17.25 7.44 11.15
CA GLU A 165 16.65 6.63 12.20
C GLU A 165 15.77 7.50 13.10
N SER A 166 14.73 6.88 13.63
CA SER A 166 13.86 7.48 14.61
C SER A 166 13.49 6.43 15.65
N VAL A 167 13.43 6.82 16.93
CA VAL A 167 13.17 5.87 18.00
C VAL A 167 12.07 6.38 18.92
N THR A 168 11.22 5.46 19.37
CA THR A 168 10.18 5.85 20.31
C THR A 168 10.74 5.99 21.72
N GLU A 169 9.97 6.68 22.55
CA GLU A 169 10.25 6.66 23.96
C GLU A 169 9.82 5.32 24.54
N GLN A 170 10.35 5.03 25.72
CA GLN A 170 10.08 3.75 26.35
C GLN A 170 8.57 3.52 26.47
N ASP A 171 8.13 2.34 26.09
CA ASP A 171 6.70 2.05 26.14
C ASP A 171 6.23 1.95 27.59
N SER A 172 5.06 2.53 27.85
CA SER A 172 4.58 2.61 29.23
C SER A 172 4.15 1.24 29.78
N LYS A 173 3.80 0.30 28.91
CA LYS A 173 3.33 -1.01 29.34
C LYS A 173 4.47 -2.03 29.47
N ASP A 174 5.33 -2.15 28.46
CA ASP A 174 6.36 -3.19 28.48
C ASP A 174 7.77 -2.65 28.55
N SER A 175 7.96 -1.34 28.64
CA SER A 175 9.27 -0.70 28.84
C SER A 175 10.24 -0.95 27.70
N THR A 176 9.75 -1.30 26.51
CA THR A 176 10.63 -1.50 25.36
C THR A 176 10.70 -0.25 24.48
N TYR A 177 11.62 -0.30 23.51
CA TYR A 177 11.75 0.70 22.47
C TYR A 177 11.37 0.09 21.14
N SER A 178 11.04 0.95 20.18
CA SER A 178 10.93 0.55 18.79
C SER A 178 11.65 1.56 17.93
N LEU A 179 12.14 1.12 16.77
CA LEU A 179 12.99 1.98 15.97
C LEU A 179 12.67 1.80 14.50
N SER A 180 12.69 2.88 13.74
CA SER A 180 12.57 2.80 12.30
C SER A 180 13.83 3.35 11.66
N SER A 181 14.28 2.70 10.59
CA SER A 181 15.36 3.21 9.76
C SER A 181 14.80 3.32 8.36
N THR A 182 14.95 4.48 7.74
CA THR A 182 14.40 4.74 6.42
C THR A 182 15.53 5.04 5.45
N LEU A 183 15.62 4.26 4.38
CA LEU A 183 16.63 4.44 3.33
C LEU A 183 15.95 5.14 2.17
N THR A 184 16.48 6.28 1.73
CA THR A 184 15.85 7.05 0.67
C THR A 184 16.76 7.07 -0.55
N LEU A 185 16.23 6.61 -1.68
CA LEU A 185 16.94 6.56 -2.95
C LEU A 185 16.13 7.24 -4.03
N SER A 186 16.83 7.74 -5.05
CA SER A 186 16.13 8.17 -6.25
C SER A 186 15.53 6.95 -6.94
N LYS A 187 14.45 7.15 -7.69
CA LYS A 187 13.90 6.02 -8.43
C LYS A 187 14.94 5.43 -9.36
N ALA A 188 15.75 6.29 -9.99
CA ALA A 188 16.79 5.83 -10.91
C ALA A 188 17.79 4.91 -10.21
N ASP A 189 18.27 5.30 -9.01
CA ASP A 189 19.16 4.42 -8.26
C ASP A 189 18.45 3.13 -7.86
N TYR A 190 17.19 3.25 -7.41
CA TYR A 190 16.47 2.07 -6.94
C TYR A 190 16.31 1.04 -8.03
N GLU A 191 15.99 1.48 -9.25
CA GLU A 191 15.74 0.56 -10.36
C GLU A 191 17.02 -0.07 -10.91
N LYS A 192 18.19 0.40 -10.52
CA LYS A 192 19.45 -0.19 -10.97
C LYS A 192 19.92 -1.31 -10.06
N HIS A 193 19.17 -1.66 -9.01
CA HIS A 193 19.62 -2.67 -8.07
C HIS A 193 18.49 -3.62 -7.73
N LYS A 194 18.86 -4.79 -7.21
CA LYS A 194 17.94 -5.90 -6.99
C LYS A 194 17.66 -6.16 -5.52
N VAL A 195 18.68 -6.43 -4.70
CA VAL A 195 18.47 -6.94 -3.35
C VAL A 195 18.58 -5.79 -2.35
N TYR A 196 17.51 -5.57 -1.58
CA TYR A 196 17.45 -4.54 -0.56
C TYR A 196 17.37 -5.20 0.81
N ALA A 197 18.29 -4.87 1.70
CA ALA A 197 18.36 -5.61 2.96
C ALA A 197 18.70 -4.68 4.12
N CYS A 198 18.09 -5.01 5.24
N CYS A 198 18.08 -4.91 5.27
CA CYS A 198 18.34 -4.39 6.52
CA CYS A 198 18.54 -4.25 6.49
C CYS A 198 19.01 -5.43 7.42
C CYS A 198 19.04 -5.30 7.46
N GLU A 199 20.09 -5.02 8.09
N GLU A 199 20.21 -5.04 8.05
CA GLU A 199 20.84 -5.91 8.97
CA GLU A 199 20.85 -5.98 8.97
C GLU A 199 20.82 -5.33 10.37
C GLU A 199 20.85 -5.36 10.36
N VAL A 200 20.30 -6.10 11.32
CA VAL A 200 20.10 -5.62 12.69
C VAL A 200 20.99 -6.38 13.66
N THR A 201 21.78 -5.65 14.44
CA THR A 201 22.59 -6.21 15.52
C THR A 201 22.03 -5.73 16.84
N HIS A 202 21.76 -6.66 17.76
CA HIS A 202 21.27 -6.27 19.08
C HIS A 202 21.61 -7.37 20.08
N GLN A 203 21.83 -6.97 21.33
CA GLN A 203 22.36 -7.93 22.30
C GLN A 203 21.41 -9.08 22.55
N GLY A 204 20.11 -8.90 22.27
CA GLY A 204 19.14 -9.96 22.42
C GLY A 204 19.11 -10.97 21.30
N LEU A 205 19.84 -10.71 20.22
CA LEU A 205 19.96 -11.63 19.09
C LEU A 205 21.28 -12.41 19.18
N SER A 206 21.19 -13.73 18.92
CA SER A 206 22.39 -14.57 18.94
C SER A 206 23.41 -14.13 17.89
N SER A 207 22.92 -13.59 16.78
CA SER A 207 23.74 -13.06 15.70
C SER A 207 22.87 -12.12 14.90
N PRO A 208 23.46 -11.31 14.02
CA PRO A 208 22.65 -10.29 13.32
C PRO A 208 21.54 -10.91 12.49
N VAL A 209 20.41 -10.21 12.43
CA VAL A 209 19.25 -10.65 11.67
C VAL A 209 19.16 -9.80 10.42
N THR A 210 18.99 -10.43 9.26
CA THR A 210 18.79 -9.71 8.01
C THR A 210 17.38 -9.94 7.48
N LYS A 211 16.69 -8.87 7.14
CA LYS A 211 15.45 -8.95 6.39
C LYS A 211 15.68 -8.30 5.04
N SER A 212 15.16 -8.92 3.98
CA SER A 212 15.43 -8.39 2.65
C SER A 212 14.27 -8.68 1.73
N PHE A 213 14.30 -8.01 0.57
CA PHE A 213 13.42 -8.32 -0.54
C PHE A 213 14.18 -8.06 -1.84
N ASN A 214 13.67 -8.64 -2.93
CA ASN A 214 14.17 -8.35 -4.28
C ASN A 214 13.22 -7.38 -4.98
N ARG A 215 13.78 -6.30 -5.54
CA ARG A 215 12.96 -5.32 -6.26
C ARG A 215 12.12 -6.00 -7.34
N GLY A 216 10.85 -5.62 -7.41
CA GLY A 216 9.99 -6.14 -8.45
C GLY A 216 9.40 -7.51 -8.17
N GLU A 217 9.41 -7.95 -6.92
CA GLU A 217 8.80 -9.20 -6.52
C GLU A 217 7.72 -9.00 -5.48
N CYS A 218 7.35 -7.76 -5.18
CA CYS A 218 6.31 -7.46 -4.20
C CYS A 218 5.01 -7.14 -4.90
N GLN B 1 -4.31 30.17 42.87
CA GLN B 1 -3.38 29.27 42.21
C GLN B 1 -2.57 30.02 41.16
N VAL B 2 -1.24 29.97 41.30
CA VAL B 2 -0.36 30.64 40.34
C VAL B 2 -0.44 29.89 39.00
N GLN B 3 -0.62 30.65 37.92
CA GLN B 3 -0.65 30.09 36.58
C GLN B 3 0.10 31.04 35.65
N LEU B 4 0.92 30.45 34.77
CA LEU B 4 1.58 31.18 33.69
C LEU B 4 1.13 30.54 32.39
N VAL B 5 0.47 31.32 31.53
CA VAL B 5 -0.06 30.81 30.27
C VAL B 5 0.65 31.54 29.12
N GLN B 6 1.36 30.79 28.30
CA GLN B 6 2.13 31.36 27.19
C GLN B 6 1.36 31.32 25.88
N SER B 7 1.80 32.18 24.95
CA SER B 7 1.25 32.20 23.61
C SER B 7 1.61 30.93 22.85
N GLY B 8 0.91 30.71 21.74
CA GLY B 8 0.98 29.45 21.02
C GLY B 8 2.20 29.32 20.13
N ALA B 9 2.28 28.16 19.47
CA ALA B 9 3.45 27.82 18.67
C ALA B 9 3.63 28.82 17.53
N GLU B 10 4.89 29.07 17.17
CA GLU B 10 5.27 30.03 16.15
C GLU B 10 6.12 29.35 15.10
N VAL B 11 5.84 29.61 13.83
CA VAL B 11 6.67 29.15 12.74
C VAL B 11 7.16 30.37 11.99
N LYS B 12 8.47 30.59 11.97
CA LYS B 12 9.05 31.83 11.48
C LYS B 12 10.13 31.55 10.45
N LYS B 13 10.31 32.54 9.52
CA LYS B 13 11.37 32.44 8.53
C LYS B 13 12.66 33.06 9.07
N PRO B 14 13.81 32.60 8.62
CA PRO B 14 15.06 33.26 9.05
C PRO B 14 15.08 34.74 8.70
N GLY B 15 15.57 35.55 9.64
CA GLY B 15 15.61 36.99 9.54
C GLY B 15 14.45 37.70 10.22
N SER B 16 13.36 37.00 10.50
CA SER B 16 12.18 37.60 11.11
C SER B 16 12.37 37.74 12.61
N SER B 17 11.36 38.28 13.29
CA SER B 17 11.35 38.37 14.74
C SER B 17 10.07 37.75 15.29
N VAL B 18 10.12 37.34 16.55
CA VAL B 18 8.96 36.74 17.21
C VAL B 18 8.89 37.31 18.62
N LYS B 19 7.66 37.56 19.10
CA LYS B 19 7.43 38.06 20.45
C LYS B 19 6.51 37.08 21.17
N VAL B 20 7.06 36.37 22.13
CA VAL B 20 6.32 35.37 22.89
C VAL B 20 5.80 36.02 24.17
N SER B 21 4.56 35.71 24.53
CA SER B 21 3.95 36.31 25.71
C SER B 21 3.70 35.27 26.79
N CYS B 22 3.60 35.76 28.02
CA CYS B 22 3.45 34.93 29.21
C CYS B 22 2.49 35.66 30.15
N LYS B 23 1.27 35.17 30.25
CA LYS B 23 0.23 35.82 31.04
C LYS B 23 0.19 35.22 32.45
N ALA B 24 0.41 36.05 33.46
CA ALA B 24 0.47 35.59 34.85
C ALA B 24 -0.86 35.85 35.57
N SER B 25 -1.26 34.89 36.38
CA SER B 25 -2.44 35.08 37.23
C SER B 25 -2.22 34.35 38.55
N GLY B 26 -3.02 34.72 39.54
CA GLY B 26 -2.96 34.04 40.81
C GLY B 26 -1.95 34.61 41.78
N TYR B 27 -1.27 35.70 41.44
CA TYR B 27 -0.33 36.35 42.34
C TYR B 27 -0.09 37.77 41.84
N THR B 28 0.66 38.55 42.62
CA THR B 28 0.96 39.93 42.29
C THR B 28 2.15 39.96 41.33
N PHE B 29 1.82 40.08 40.04
CA PHE B 29 2.80 39.99 38.97
C PHE B 29 3.98 40.94 39.16
N SER B 30 3.73 42.13 39.71
CA SER B 30 4.79 43.12 39.85
C SER B 30 5.82 42.80 40.92
N GLY B 31 5.57 41.80 41.79
CA GLY B 31 6.43 41.55 42.93
C GLY B 31 7.44 40.42 42.80
N TYR B 32 7.52 39.78 41.64
CA TYR B 32 8.39 38.64 41.44
C TYR B 32 9.12 38.77 40.11
N TRP B 33 10.38 38.36 40.11
CA TRP B 33 11.13 38.24 38.87
C TRP B 33 10.49 37.20 37.95
N MET B 34 10.42 37.53 36.67
CA MET B 34 9.93 36.63 35.63
C MET B 34 11.09 36.30 34.70
N ASN B 35 11.35 35.02 34.53
CA ASN B 35 12.52 34.59 33.74
C ASN B 35 12.08 33.92 32.43
N TRP B 36 12.99 33.89 31.48
CA TRP B 36 12.81 33.14 30.24
C TRP B 36 13.95 32.14 30.11
N VAL B 37 13.60 30.94 29.66
CA VAL B 37 14.49 29.79 29.54
C VAL B 37 14.27 29.15 28.18
N ARG B 38 15.35 28.76 27.52
CA ARG B 38 15.32 28.10 26.22
C ARG B 38 15.63 26.62 26.41
N GLN B 39 14.95 25.76 25.65
CA GLN B 39 15.26 24.33 25.64
C GLN B 39 15.29 23.84 24.22
N ALA B 40 16.48 23.60 23.70
CA ALA B 40 16.60 22.95 22.40
C ALA B 40 17.23 21.58 22.57
N PRO B 41 16.98 20.65 21.65
CA PRO B 41 17.65 19.35 21.72
C PRO B 41 19.15 19.52 21.68
N GLY B 42 19.85 18.80 22.56
CA GLY B 42 21.29 18.83 22.59
C GLY B 42 21.91 20.01 23.32
N GLN B 43 21.11 20.93 23.85
CA GLN B 43 21.66 22.06 24.59
C GLN B 43 21.02 22.21 25.97
N GLY B 44 20.22 21.23 26.40
CA GLY B 44 19.66 21.26 27.75
C GLY B 44 18.78 22.47 27.99
N LEU B 45 18.86 23.02 29.19
CA LEU B 45 18.13 24.21 29.58
C LEU B 45 19.10 25.39 29.67
N GLU B 46 18.69 26.53 29.14
CA GLU B 46 19.53 27.72 29.11
C GLU B 46 18.72 28.91 29.59
N TRP B 47 19.26 29.61 30.59
CA TRP B 47 18.58 30.77 31.15
C TRP B 47 18.88 31.99 30.29
N ILE B 48 17.83 32.64 29.78
CA ILE B 48 17.97 33.76 28.84
C ILE B 48 18.10 35.09 29.59
N GLY B 49 17.27 35.29 30.59
CA GLY B 49 17.27 36.54 31.33
C GLY B 49 15.98 36.65 32.13
N GLN B 50 15.81 37.83 32.73
CA GLN B 50 14.66 38.01 33.62
C GLN B 50 14.30 39.50 33.68
N ILE B 51 13.08 39.76 34.09
CA ILE B 51 12.59 41.12 34.29
C ILE B 51 11.87 41.18 35.62
N TYR B 52 12.02 42.30 36.33
CA TYR B 52 11.22 42.58 37.52
C TYR B 52 10.12 43.54 37.12
N PRO B 53 8.88 43.08 36.96
CA PRO B 53 7.87 43.94 36.34
C PRO B 53 7.52 45.16 37.17
N GLY B 54 7.81 45.14 38.47
CA GLY B 54 7.53 46.31 39.30
C GLY B 54 8.21 47.58 38.80
N ASP B 55 9.46 47.46 38.33
CA ASP B 55 10.17 48.64 37.84
C ASP B 55 10.82 48.45 36.47
N GLY B 56 10.63 47.30 35.81
CA GLY B 56 11.19 47.06 34.50
C GLY B 56 12.65 46.68 34.47
N ASP B 57 13.28 46.52 35.63
CA ASP B 57 14.69 46.13 35.68
C ASP B 57 14.90 44.77 35.02
N THR B 58 16.00 44.63 34.27
CA THR B 58 16.30 43.39 33.57
C THR B 58 17.73 42.95 33.86
N ASN B 59 17.95 41.64 33.72
CA ASN B 59 19.27 41.01 33.71
C ASN B 59 19.26 39.98 32.60
N TYR B 60 20.28 40.01 31.75
CA TYR B 60 20.36 39.10 30.62
C TYR B 60 21.59 38.20 30.71
N ASN B 61 21.44 36.99 30.19
CA ASN B 61 22.57 36.13 29.88
C ASN B 61 23.34 36.76 28.73
N GLY B 62 24.64 37.00 28.92
CA GLY B 62 25.44 37.58 27.85
C GLY B 62 25.41 36.82 26.54
N LYS B 63 25.13 35.51 26.59
CA LYS B 63 25.01 34.74 25.35
C LYS B 63 23.86 35.22 24.48
N PHE B 64 22.84 35.84 25.07
CA PHE B 64 21.67 36.28 24.33
C PHE B 64 21.59 37.80 24.16
N LYS B 65 22.51 38.56 24.74
CA LYS B 65 22.38 40.01 24.69
C LYS B 65 22.54 40.52 23.27
N GLY B 66 21.76 41.55 22.94
CA GLY B 66 21.76 42.11 21.60
C GLY B 66 20.81 41.43 20.65
N ARG B 67 20.29 40.25 20.99
CA ARG B 67 19.30 39.58 20.17
C ARG B 67 17.98 39.28 20.87
N VAL B 68 17.88 39.54 22.17
CA VAL B 68 16.65 39.30 22.91
C VAL B 68 16.30 40.57 23.68
N THR B 69 15.01 40.87 23.77
CA THR B 69 14.50 41.94 24.62
C THR B 69 13.38 41.36 25.46
N ILE B 70 13.50 41.49 26.78
CA ILE B 70 12.45 41.05 27.70
C ILE B 70 11.74 42.31 28.19
N THR B 71 10.40 42.30 28.12
CA THR B 71 9.59 43.42 28.57
C THR B 71 8.42 42.90 29.42
N ALA B 72 7.74 43.82 30.08
CA ALA B 72 6.59 43.46 30.90
C ALA B 72 5.54 44.56 30.83
N ASP B 73 4.28 44.15 30.89
CA ASP B 73 3.12 45.05 30.92
C ASP B 73 2.39 44.80 32.24
N LYS B 74 2.60 45.68 33.21
CA LYS B 74 1.94 45.54 34.51
C LYS B 74 0.42 45.56 34.36
N SER B 75 -0.11 46.30 33.39
CA SER B 75 -1.56 46.51 33.32
C SER B 75 -2.28 45.21 33.01
N THR B 76 -1.66 44.32 32.23
CA THR B 76 -2.26 43.04 31.88
C THR B 76 -1.53 41.86 32.51
N SER B 77 -0.60 42.09 33.43
CA SER B 77 0.19 41.03 34.07
C SER B 77 0.79 40.06 33.05
N THR B 78 1.41 40.62 32.00
CA THR B 78 2.00 39.82 30.94
C THR B 78 3.46 40.18 30.76
N ALA B 79 4.30 39.16 30.67
CA ALA B 79 5.71 39.32 30.31
C ALA B 79 5.90 38.89 28.86
N TYR B 80 6.95 39.43 28.24
CA TYR B 80 7.21 39.20 26.83
C TYR B 80 8.69 38.96 26.61
N MET B 81 8.98 38.12 25.62
CA MET B 81 10.35 37.90 25.15
C MET B 81 10.34 38.04 23.63
N GLU B 82 11.11 39.00 23.12
CA GLU B 82 11.19 39.23 21.68
C GLU B 82 12.55 38.78 21.19
N LEU B 83 12.56 37.83 20.26
CA LEU B 83 13.80 37.36 19.64
C LEU B 83 13.91 38.01 18.27
N SER B 84 15.01 38.71 18.04
CA SER B 84 15.23 39.46 16.81
C SER B 84 16.08 38.66 15.85
N SER B 85 15.82 38.85 14.55
CA SER B 85 16.64 38.32 13.48
C SER B 85 16.90 36.82 13.69
N LEU B 86 15.81 36.07 13.57
CA LEU B 86 15.82 34.66 13.90
C LEU B 86 16.70 33.86 12.96
N ARG B 87 17.34 32.84 13.51
CA ARG B 87 18.20 31.91 12.79
C ARG B 87 17.69 30.49 13.07
N SER B 88 18.03 29.55 12.18
CA SER B 88 17.53 28.19 12.37
C SER B 88 17.89 27.62 13.74
N GLU B 89 19.05 27.98 14.28
CA GLU B 89 19.43 27.46 15.59
C GLU B 89 18.65 28.09 16.74
N ASP B 90 17.79 29.07 16.48
CA ASP B 90 16.87 29.54 17.52
C ASP B 90 15.63 28.68 17.65
N THR B 91 15.50 27.65 16.81
CA THR B 91 14.41 26.68 16.95
C THR B 91 14.53 25.99 18.29
N ALA B 92 13.47 26.09 19.11
CA ALA B 92 13.54 25.61 20.48
C ALA B 92 12.18 25.76 21.13
N VAL B 93 12.06 25.20 22.34
CA VAL B 93 10.95 25.52 23.22
C VAL B 93 11.41 26.63 24.16
N TYR B 94 10.56 27.64 24.35
CA TYR B 94 10.86 28.76 25.22
C TYR B 94 9.86 28.77 26.37
N TYR B 95 10.36 28.86 27.60
CA TYR B 95 9.52 28.85 28.79
C TYR B 95 9.65 30.20 29.48
N CYS B 96 8.55 30.68 30.04
CA CYS B 96 8.65 31.68 31.11
C CYS B 96 8.52 30.97 32.44
N ALA B 97 9.12 31.56 33.47
CA ALA B 97 9.10 30.96 34.79
C ALA B 97 9.28 32.04 35.84
N ARG B 98 8.42 32.02 36.84
CA ARG B 98 8.60 32.88 38.01
C ARG B 98 9.76 32.40 38.87
N SER B 99 10.53 33.34 39.41
CA SER B 99 11.52 32.99 40.42
C SER B 99 11.28 33.79 41.69
N ILE B 100 11.94 33.36 42.75
CA ILE B 100 11.69 33.87 44.09
C ILE B 100 13.01 34.31 44.71
N THR B 101 12.94 34.76 45.98
CA THR B 101 14.13 35.35 46.61
C THR B 101 15.29 34.38 46.64
N THR B 102 15.01 33.08 46.68
CA THR B 102 16.06 32.07 46.76
C THR B 102 16.56 31.62 45.39
N VAL B 103 16.03 32.20 44.31
CA VAL B 103 16.56 32.11 42.96
C VAL B 103 16.38 30.67 42.48
N VAL B 104 15.20 30.12 42.77
CA VAL B 104 14.70 28.94 42.11
C VAL B 104 13.49 29.36 41.28
N LEU B 105 13.20 28.56 40.26
CA LEU B 105 12.12 28.83 39.33
C LEU B 105 10.95 27.95 39.76
N ASP B 106 9.98 28.54 40.49
CA ASP B 106 8.99 27.71 41.17
C ASP B 106 7.72 27.47 40.36
N TYR B 107 7.39 28.34 39.41
CA TYR B 107 6.22 28.13 38.56
C TYR B 107 6.60 28.42 37.12
N TRP B 108 6.16 27.57 36.21
CA TRP B 108 6.56 27.63 34.81
C TRP B 108 5.34 27.71 33.89
N GLY B 109 5.50 28.44 32.80
CA GLY B 109 4.56 28.37 31.70
C GLY B 109 4.66 27.03 30.98
N GLN B 110 3.72 26.79 30.07
CA GLN B 110 3.62 25.47 29.45
C GLN B 110 4.61 25.28 28.29
N GLY B 111 5.35 26.32 27.92
CA GLY B 111 6.31 26.25 26.83
C GLY B 111 5.69 26.76 25.54
N THR B 112 6.49 27.44 24.72
CA THR B 112 6.12 27.89 23.38
C THR B 112 7.15 27.33 22.42
N THR B 113 6.69 26.55 21.44
CA THR B 113 7.59 26.04 20.42
C THR B 113 7.79 27.12 19.36
N VAL B 114 9.04 27.42 19.05
CA VAL B 114 9.40 28.33 17.97
C VAL B 114 10.19 27.52 16.96
N THR B 115 9.67 27.41 15.73
CA THR B 115 10.36 26.74 14.64
C THR B 115 10.81 27.82 13.66
N VAL B 116 12.10 27.86 13.38
CA VAL B 116 12.66 28.81 12.41
C VAL B 116 13.10 28.01 11.19
N SER B 117 12.52 28.33 10.04
CA SER B 117 12.83 27.55 8.85
C SER B 117 12.45 28.34 7.62
N SER B 118 13.19 28.11 6.53
CA SER B 118 12.84 28.68 5.24
C SER B 118 11.78 27.87 4.51
N ALA B 119 11.39 26.70 5.04
CA ALA B 119 10.37 25.89 4.39
C ALA B 119 9.01 26.58 4.42
N SER B 120 8.13 26.15 3.51
CA SER B 120 6.77 26.64 3.44
C SER B 120 5.79 25.51 3.75
N THR B 121 4.59 25.90 4.20
CA THR B 121 3.56 24.92 4.55
C THR B 121 3.34 23.95 3.40
N LYS B 122 3.30 22.66 3.72
CA LYS B 122 3.09 21.63 2.72
C LYS B 122 2.49 20.41 3.39
N GLY B 123 1.43 19.85 2.80
CA GLY B 123 0.84 18.65 3.37
C GLY B 123 1.59 17.42 2.94
N PRO B 124 1.49 16.34 3.71
CA PRO B 124 2.27 15.14 3.41
C PRO B 124 1.72 14.34 2.23
N SER B 125 2.60 13.51 1.68
CA SER B 125 2.18 12.37 0.86
C SER B 125 2.22 11.15 1.77
N VAL B 126 1.21 10.29 1.66
CA VAL B 126 1.10 9.12 2.53
C VAL B 126 1.24 7.86 1.68
N PHE B 127 2.10 6.95 2.12
CA PHE B 127 2.40 5.75 1.37
C PHE B 127 2.25 4.53 2.26
N PRO B 128 1.78 3.41 1.72
CA PRO B 128 1.65 2.21 2.55
C PRO B 128 2.99 1.57 2.88
N LEU B 129 3.04 0.98 4.08
CA LEU B 129 4.15 0.12 4.48
C LEU B 129 3.57 -1.29 4.62
N ALA B 130 3.86 -2.14 3.65
CA ALA B 130 3.30 -3.48 3.64
C ALA B 130 4.39 -4.45 3.20
N PRO B 131 4.41 -5.65 3.78
CA PRO B 131 5.45 -6.62 3.42
C PRO B 131 5.38 -6.98 1.95
N CYS B 132 6.54 -7.34 1.41
CA CYS B 132 6.63 -7.76 0.02
C CYS B 132 5.60 -8.84 -0.31
N SER B 133 5.53 -9.86 0.54
CA SER B 133 4.49 -10.87 0.47
C SER B 133 3.94 -11.06 1.87
N ARG B 134 2.77 -11.66 1.97
CA ARG B 134 2.28 -12.01 3.30
C ARG B 134 2.93 -13.31 3.72
N SER B 135 3.93 -13.21 4.59
CA SER B 135 4.62 -14.37 5.13
C SER B 135 3.63 -15.37 5.72
N THR B 136 3.99 -16.65 5.59
CA THR B 136 3.29 -17.69 6.34
C THR B 136 3.90 -17.83 7.73
N SER B 137 5.22 -18.00 7.79
CA SER B 137 5.88 -18.61 8.94
C SER B 137 5.59 -17.85 10.24
N GLU B 138 5.59 -16.53 10.20
CA GLU B 138 5.47 -15.74 11.41
C GLU B 138 4.02 -15.56 11.81
N SER B 139 3.77 -15.59 13.12
CA SER B 139 2.44 -15.36 13.66
C SER B 139 2.13 -13.89 13.87
N THR B 140 3.12 -13.01 13.76
CA THR B 140 2.95 -11.57 13.90
C THR B 140 3.39 -10.89 12.61
N ALA B 141 2.59 -9.92 12.16
CA ALA B 141 2.89 -9.14 10.97
C ALA B 141 2.87 -7.65 11.33
N ALA B 142 3.63 -6.87 10.58
CA ALA B 142 3.64 -5.43 10.73
C ALA B 142 3.14 -4.76 9.46
N LEU B 143 2.37 -3.70 9.66
CA LEU B 143 1.87 -2.83 8.61
C LEU B 143 2.12 -1.40 9.05
N GLY B 144 2.07 -0.47 8.11
CA GLY B 144 2.27 0.90 8.53
C GLY B 144 1.95 1.86 7.42
N CYS B 145 2.18 3.14 7.72
N CYS B 145 2.19 3.14 7.70
CA CYS B 145 2.06 4.22 6.75
CA CYS B 145 2.06 4.16 6.67
C CYS B 145 3.28 5.12 6.88
C CYS B 145 3.17 5.20 6.84
N LEU B 146 3.83 5.51 5.74
CA LEU B 146 4.90 6.49 5.69
C LEU B 146 4.29 7.83 5.34
N VAL B 147 4.48 8.81 6.23
CA VAL B 147 3.89 10.14 6.11
C VAL B 147 5.03 11.09 5.75
N LYS B 148 5.16 11.41 4.46
CA LYS B 148 6.40 11.98 3.94
C LYS B 148 6.24 13.41 3.44
N ASP B 149 7.24 14.24 3.74
CA ASP B 149 7.44 15.55 3.10
C ASP B 149 6.37 16.56 3.49
N TYR B 150 6.26 16.87 4.78
CA TYR B 150 5.28 17.85 5.23
C TYR B 150 5.97 18.94 6.04
N PHE B 151 5.30 20.09 6.13
CA PHE B 151 5.79 21.18 6.98
C PHE B 151 4.59 22.08 7.32
N PRO B 152 4.52 22.59 8.56
CA PRO B 152 5.37 22.32 9.72
C PRO B 152 4.86 21.11 10.50
N GLU B 153 5.47 20.80 11.64
CA GLU B 153 4.86 19.87 12.57
C GLU B 153 3.59 20.48 13.17
N PRO B 154 2.66 19.64 13.67
CA PRO B 154 2.63 18.18 13.68
C PRO B 154 1.69 17.56 12.67
N VAL B 155 1.80 16.25 12.53
CA VAL B 155 0.74 15.43 11.95
C VAL B 155 0.22 14.54 13.06
N THR B 156 -1.02 14.09 12.90
CA THR B 156 -1.56 13.06 13.77
C THR B 156 -1.84 11.83 12.93
N VAL B 157 -1.56 10.67 13.48
CA VAL B 157 -1.89 9.40 12.85
C VAL B 157 -2.68 8.57 13.85
N SER B 158 -3.82 8.04 13.41
CA SER B 158 -4.52 7.02 14.16
C SER B 158 -4.74 5.82 13.26
N TRP B 159 -5.22 4.73 13.85
CA TRP B 159 -5.49 3.52 13.11
C TRP B 159 -6.94 3.12 13.33
N ASN B 160 -7.60 2.74 12.23
CA ASN B 160 -8.99 2.30 12.28
C ASN B 160 -9.87 3.30 13.02
N SER B 161 -9.66 4.58 12.69
CA SER B 161 -10.43 5.71 13.21
C SER B 161 -10.36 5.80 14.73
N GLY B 162 -9.22 5.38 15.31
CA GLY B 162 -9.02 5.41 16.74
C GLY B 162 -9.34 4.13 17.47
N ALA B 163 -9.94 3.15 16.80
CA ALA B 163 -10.33 1.93 17.48
C ALA B 163 -9.15 0.99 17.74
N LEU B 164 -8.05 1.12 16.99
CA LEU B 164 -6.88 0.26 17.11
C LEU B 164 -5.75 1.08 17.72
N THR B 165 -5.36 0.75 18.96
CA THR B 165 -4.29 1.49 19.63
C THR B 165 -3.21 0.53 20.10
N SER B 166 -3.58 -0.71 20.39
CA SER B 166 -2.62 -1.69 20.89
C SER B 166 -1.61 -2.03 19.80
N GLY B 167 -0.34 -1.97 20.14
CA GLY B 167 0.71 -2.32 19.20
C GLY B 167 1.07 -1.25 18.19
N VAL B 168 0.49 -0.05 18.31
CA VAL B 168 0.79 1.06 17.40
C VAL B 168 2.04 1.79 17.90
N HIS B 169 2.95 2.10 16.98
CA HIS B 169 4.09 2.97 17.25
C HIS B 169 4.15 4.05 16.19
N THR B 170 3.97 5.31 16.59
CA THR B 170 4.09 6.44 15.67
C THR B 170 5.39 7.14 16.03
N PHE B 171 6.34 7.12 15.09
CA PHE B 171 7.70 7.54 15.39
C PHE B 171 7.81 9.06 15.40
N PRO B 172 8.78 9.60 16.15
CA PRO B 172 9.06 11.03 16.02
C PRO B 172 9.44 11.37 14.60
N ALA B 173 8.97 12.53 14.13
CA ALA B 173 9.33 13.02 12.82
C ALA B 173 10.83 13.25 12.74
N VAL B 174 11.39 13.07 11.54
CA VAL B 174 12.77 13.43 11.25
C VAL B 174 12.74 14.54 10.22
N LEU B 175 13.65 15.48 10.39
CA LEU B 175 13.76 16.60 9.46
C LEU B 175 14.72 16.18 8.36
N GLN B 176 14.25 16.21 7.11
CA GLN B 176 15.08 15.86 5.97
C GLN B 176 15.87 17.08 5.51
N SER B 177 16.89 16.82 4.68
CA SER B 177 17.72 17.93 4.20
C SER B 177 16.92 18.90 3.34
N SER B 178 15.78 18.49 2.82
CA SER B 178 14.87 19.38 2.10
C SER B 178 14.21 20.40 3.00
N GLY B 179 14.29 20.24 4.32
CA GLY B 179 13.56 21.07 5.24
C GLY B 179 12.16 20.58 5.53
N LEU B 180 11.75 19.48 4.92
CA LEU B 180 10.46 18.87 5.20
C LEU B 180 10.62 17.72 6.18
N TYR B 181 9.56 17.46 6.93
CA TYR B 181 9.53 16.37 7.90
C TYR B 181 8.99 15.09 7.27
N SER B 182 9.28 13.98 7.93
CA SER B 182 8.75 12.68 7.54
C SER B 182 8.66 11.82 8.79
N LEU B 183 7.63 10.97 8.86
CA LEU B 183 7.61 9.96 9.91
C LEU B 183 6.87 8.75 9.39
N SER B 184 7.01 7.65 10.12
CA SER B 184 6.21 6.45 9.87
C SER B 184 5.42 6.12 11.13
N SER B 185 4.26 5.49 10.90
CA SER B 185 3.45 4.92 11.96
C SER B 185 3.24 3.46 11.60
N VAL B 186 3.48 2.56 12.55
CA VAL B 186 3.38 1.13 12.31
C VAL B 186 2.45 0.50 13.34
N VAL B 187 1.94 -0.69 13.01
CA VAL B 187 1.18 -1.47 13.97
C VAL B 187 1.54 -2.93 13.74
N THR B 188 1.65 -3.72 14.82
CA THR B 188 1.81 -5.16 14.68
C THR B 188 0.48 -5.84 15.03
N VAL B 189 0.14 -6.85 14.23
CA VAL B 189 -1.16 -7.53 14.32
C VAL B 189 -0.95 -9.01 14.10
N PRO B 190 -1.93 -9.84 14.51
CA PRO B 190 -1.83 -11.27 14.22
C PRO B 190 -1.86 -11.53 12.72
N SER B 191 -0.95 -12.40 12.25
CA SER B 191 -0.92 -12.75 10.84
C SER B 191 -2.23 -13.37 10.38
N SER B 192 -2.92 -14.11 11.26
CA SER B 192 -4.19 -14.71 10.89
C SER B 192 -5.26 -13.66 10.62
N SER B 193 -5.13 -12.46 11.17
CA SER B 193 -6.11 -11.40 10.94
C SER B 193 -5.96 -10.73 9.58
N LEU B 194 -4.82 -10.87 8.93
CA LEU B 194 -4.64 -10.25 7.62
C LEU B 194 -5.65 -10.83 6.65
N GLY B 195 -6.25 -9.97 5.83
CA GLY B 195 -7.24 -10.43 4.88
C GLY B 195 -8.64 -10.61 5.45
N THR B 196 -8.75 -10.89 6.75
CA THR B 196 -10.04 -10.95 7.42
C THR B 196 -10.37 -9.70 8.22
N LYS B 197 -9.38 -8.85 8.48
CA LYS B 197 -9.59 -7.57 9.13
C LYS B 197 -8.86 -6.49 8.35
N THR B 198 -9.45 -5.29 8.32
CA THR B 198 -8.86 -4.16 7.61
C THR B 198 -8.07 -3.29 8.57
N TYR B 199 -6.96 -2.75 8.06
CA TYR B 199 -6.11 -1.84 8.82
C TYR B 199 -5.91 -0.58 7.99
N THR B 200 -6.34 0.55 8.52
CA THR B 200 -6.38 1.83 7.83
C THR B 200 -5.71 2.86 8.70
N CYS B 201 -4.74 3.58 8.14
N CYS B 201 -4.79 3.64 8.13
CA CYS B 201 -4.17 4.70 8.88
CA CYS B 201 -4.12 4.69 8.89
C CYS B 201 -4.95 5.96 8.55
C CYS B 201 -4.74 6.05 8.53
N ASN B 202 -5.17 6.79 9.56
CA ASN B 202 -5.87 8.06 9.39
C ASN B 202 -4.88 9.18 9.70
N VAL B 203 -4.53 9.96 8.68
CA VAL B 203 -3.51 11.00 8.77
C VAL B 203 -4.17 12.36 8.66
N ASP B 204 -3.82 13.27 9.58
CA ASP B 204 -4.35 14.63 9.59
C ASP B 204 -3.17 15.58 9.74
N HIS B 205 -2.99 16.48 8.79
CA HIS B 205 -2.03 17.56 8.90
C HIS B 205 -2.83 18.86 8.91
N LYS B 206 -3.12 19.37 10.12
CA LYS B 206 -4.00 20.53 10.24
C LYS B 206 -3.43 21.78 9.59
N PRO B 207 -2.13 22.09 9.65
CA PRO B 207 -1.65 23.32 9.01
C PRO B 207 -1.95 23.42 7.52
N SER B 208 -2.06 22.28 6.82
CA SER B 208 -2.39 22.29 5.40
C SER B 208 -3.79 21.80 5.12
N ASN B 209 -4.58 21.50 6.16
CA ASN B 209 -5.91 20.90 6.01
C ASN B 209 -5.86 19.66 5.13
N THR B 210 -4.84 18.83 5.34
CA THR B 210 -4.69 17.56 4.62
C THR B 210 -5.23 16.45 5.51
N LYS B 211 -6.21 15.70 5.01
CA LYS B 211 -6.72 14.52 5.71
C LYS B 211 -6.77 13.36 4.73
N VAL B 212 -6.17 12.24 5.10
CA VAL B 212 -6.25 11.03 4.27
C VAL B 212 -6.52 9.83 5.15
N ASP B 213 -7.26 8.85 4.59
CA ASP B 213 -7.39 7.52 5.17
C ASP B 213 -6.88 6.51 4.15
N LYS B 214 -5.94 5.67 4.57
CA LYS B 214 -5.35 4.67 3.68
C LYS B 214 -5.42 3.29 4.29
N ARG B 215 -6.14 2.38 3.63
CA ARG B 215 -6.14 0.98 4.02
C ARG B 215 -4.87 0.33 3.46
N VAL B 216 -4.15 -0.40 4.33
CA VAL B 216 -2.83 -0.93 3.98
C VAL B 216 -2.90 -2.46 3.86
N GLU B 217 -2.36 -2.99 2.77
CA GLU B 217 -2.23 -4.42 2.57
C GLU B 217 -1.20 -4.69 1.48
N SER B 218 -0.63 -5.90 1.50
CA SER B 218 0.31 -6.28 0.45
C SER B 218 -0.47 -6.62 -0.83
N LYS B 219 0.29 -6.88 -1.90
CA LYS B 219 -0.34 -7.39 -3.12
C LYS B 219 -0.27 -8.91 -3.15
N ASP C 1 14.32 -19.59 -24.94
CA ASP C 1 12.93 -19.28 -25.25
C ASP C 1 12.79 -17.91 -25.92
N ILE C 2 12.04 -17.89 -27.02
CA ILE C 2 11.83 -16.65 -27.76
C ILE C 2 10.76 -15.83 -27.04
N VAL C 3 11.04 -14.55 -26.85
CA VAL C 3 10.08 -13.62 -26.27
C VAL C 3 9.53 -12.75 -27.39
N LEU C 4 8.21 -12.73 -27.53
CA LEU C 4 7.53 -11.85 -28.48
C LEU C 4 6.91 -10.69 -27.70
N THR C 5 7.25 -9.46 -28.08
CA THR C 5 6.73 -8.27 -27.44
C THR C 5 5.92 -7.47 -28.46
N GLN C 6 4.63 -7.29 -28.17
CA GLN C 6 3.79 -6.51 -29.07
C GLN C 6 3.69 -5.06 -28.59
N SER C 7 3.36 -4.18 -29.53
CA SER C 7 3.13 -2.76 -29.27
C SER C 7 2.03 -2.27 -30.20
N PRO C 8 1.12 -1.42 -29.69
CA PRO C 8 0.98 -1.06 -28.28
C PRO C 8 0.25 -2.15 -27.52
N ASP C 9 0.05 -2.00 -26.21
CA ASP C 9 -0.77 -2.97 -25.51
C ASP C 9 -2.24 -2.81 -25.86
N SER C 10 -2.68 -1.57 -26.08
CA SER C 10 -4.05 -1.29 -26.51
C SER C 10 -4.04 -0.06 -27.40
N LEU C 11 -5.08 0.04 -28.21
CA LEU C 11 -5.15 1.06 -29.24
C LEU C 11 -6.62 1.32 -29.53
N ALA C 12 -7.01 2.58 -29.61
CA ALA C 12 -8.35 2.97 -30.01
C ALA C 12 -8.27 3.63 -31.37
N VAL C 13 -9.05 3.13 -32.31
CA VAL C 13 -9.05 3.65 -33.69
C VAL C 13 -10.49 3.77 -34.13
N SER C 14 -10.79 4.84 -34.88
CA SER C 14 -12.14 5.07 -35.35
C SER C 14 -12.52 4.10 -36.46
N LEU C 15 -13.82 3.79 -36.54
CA LEU C 15 -14.35 3.04 -37.65
C LEU C 15 -13.94 3.69 -38.96
N GLY C 16 -13.60 2.86 -39.94
CA GLY C 16 -13.19 3.33 -41.24
C GLY C 16 -11.72 3.72 -41.35
N GLU C 17 -10.98 3.76 -40.24
CA GLU C 17 -9.59 4.17 -40.30
C GLU C 17 -8.67 2.96 -40.22
N ARG C 18 -7.36 3.21 -40.20
CA ARG C 18 -6.35 2.18 -40.33
C ARG C 18 -5.65 1.95 -39.00
N ALA C 19 -5.49 0.68 -38.62
CA ALA C 19 -4.81 0.28 -37.41
C ALA C 19 -3.52 -0.47 -37.74
N THR C 20 -2.47 -0.18 -36.98
CA THR C 20 -1.18 -0.83 -37.15
C THR C 20 -0.74 -1.40 -35.82
N ILE C 21 -0.46 -2.70 -35.79
CA ILE C 21 -0.04 -3.43 -34.59
C ILE C 21 1.30 -4.10 -34.89
N SER C 22 2.21 -4.05 -33.92
CA SER C 22 3.58 -4.52 -34.12
C SER C 22 3.91 -5.67 -33.18
N CYS C 23 4.82 -6.54 -33.65
CA CYS C 23 5.32 -7.66 -32.87
C CYS C 23 6.82 -7.71 -33.07
N ARG C 24 7.60 -7.70 -31.99
CA ARG C 24 9.04 -7.77 -32.08
C ARG C 24 9.56 -9.01 -31.38
N ALA C 25 10.33 -9.83 -32.10
CA ALA C 25 10.88 -11.06 -31.56
C ALA C 25 12.27 -10.81 -30.99
N SER C 26 12.61 -11.58 -29.95
CA SER C 26 13.92 -11.44 -29.32
C SER C 26 15.04 -11.99 -30.20
N GLN C 27 14.71 -12.68 -31.28
CA GLN C 27 15.69 -13.14 -32.25
C GLN C 27 15.00 -13.24 -33.60
N SER C 28 15.79 -13.25 -34.66
CA SER C 28 15.22 -13.34 -35.99
C SER C 28 14.49 -14.67 -36.17
N VAL C 29 13.33 -14.62 -36.82
CA VAL C 29 12.59 -15.85 -37.11
C VAL C 29 12.36 -15.98 -38.61
N SER C 30 13.29 -15.47 -39.40
CA SER C 30 13.24 -15.54 -40.86
C SER C 30 14.41 -16.35 -41.39
N THR C 31 14.12 -17.22 -42.36
CA THR C 31 15.19 -17.86 -43.14
C THR C 31 14.62 -18.32 -44.47
N SER C 32 15.48 -18.32 -45.49
CA SER C 32 15.11 -18.78 -46.84
C SER C 32 13.92 -18.02 -47.42
N GLY C 33 13.78 -16.74 -47.07
CA GLY C 33 12.71 -15.92 -47.59
C GLY C 33 11.36 -16.11 -46.93
N TYR C 34 11.28 -16.92 -45.89
CA TYR C 34 10.04 -17.14 -45.16
C TYR C 34 10.21 -16.67 -43.71
N SER C 35 9.17 -16.02 -43.18
CA SER C 35 9.17 -15.55 -41.80
C SER C 35 8.22 -16.42 -40.98
N PHE C 36 8.75 -17.00 -39.90
CA PHE C 36 8.00 -17.99 -39.13
C PHE C 36 7.25 -17.30 -37.99
N MET C 37 6.34 -16.42 -38.40
CA MET C 37 5.52 -15.59 -37.52
C MET C 37 4.10 -15.57 -38.06
N HIS C 38 3.12 -15.64 -37.14
CA HIS C 38 1.71 -15.79 -37.51
C HIS C 38 0.88 -14.92 -36.60
N TRP C 39 -0.33 -14.57 -37.05
CA TRP C 39 -1.22 -13.67 -36.32
C TRP C 39 -2.56 -14.33 -36.06
N TYR C 40 -3.07 -14.13 -34.82
CA TYR C 40 -4.37 -14.60 -34.39
C TYR C 40 -5.25 -13.43 -33.94
N GLN C 41 -6.56 -13.63 -34.05
CA GLN C 41 -7.57 -12.68 -33.60
C GLN C 41 -8.42 -13.36 -32.54
N GLN C 42 -8.68 -12.67 -31.43
CA GLN C 42 -9.51 -13.29 -30.39
C GLN C 42 -10.52 -12.29 -29.86
N LYS C 43 -11.79 -12.71 -29.78
CA LYS C 43 -12.86 -11.93 -29.18
C LYS C 43 -13.27 -12.55 -27.84
N PRO C 44 -13.81 -11.75 -26.91
CA PRO C 44 -14.12 -12.28 -25.57
C PRO C 44 -15.05 -13.48 -25.64
N GLY C 45 -14.75 -14.48 -24.81
CA GLY C 45 -15.52 -15.70 -24.75
C GLY C 45 -15.21 -16.70 -25.84
N GLN C 46 -14.28 -16.40 -26.73
CA GLN C 46 -13.94 -17.26 -27.85
C GLN C 46 -12.45 -17.59 -27.83
N PRO C 47 -12.05 -18.73 -28.39
CA PRO C 47 -10.61 -18.99 -28.59
C PRO C 47 -10.04 -18.07 -29.65
N PRO C 48 -8.71 -17.94 -29.69
CA PRO C 48 -8.09 -17.20 -30.80
C PRO C 48 -8.40 -17.88 -32.13
N LYS C 49 -8.37 -17.09 -33.18
CA LYS C 49 -8.61 -17.57 -34.54
C LYS C 49 -7.45 -17.18 -35.42
N LEU C 50 -6.89 -18.16 -36.12
CA LEU C 50 -5.78 -17.91 -37.02
C LEU C 50 -6.20 -16.96 -38.14
N LEU C 51 -5.43 -15.88 -38.32
CA LEU C 51 -5.72 -14.87 -39.33
C LEU C 51 -4.69 -14.83 -40.44
N ILE C 52 -3.40 -14.80 -40.10
CA ILE C 52 -2.33 -14.63 -41.08
C ILE C 52 -1.25 -15.65 -40.78
N LYS C 53 -0.78 -16.35 -41.81
CA LYS C 53 0.27 -17.32 -41.65
C LYS C 53 1.54 -16.83 -42.35
N TYR C 54 2.69 -17.12 -41.77
CA TYR C 54 3.98 -16.80 -42.35
C TYR C 54 4.06 -15.31 -42.69
N ALA C 55 3.71 -14.49 -41.70
CA ALA C 55 3.81 -13.03 -41.66
C ALA C 55 2.86 -12.29 -42.59
N SER C 56 2.57 -12.84 -43.78
CA SER C 56 1.82 -12.07 -44.78
C SER C 56 0.75 -12.84 -45.54
N ASN C 57 0.54 -14.13 -45.28
CA ASN C 57 -0.39 -14.94 -46.08
C ASN C 57 -1.74 -15.01 -45.36
N LEU C 58 -2.73 -14.27 -45.88
CA LEU C 58 -4.05 -14.28 -45.28
C LEU C 58 -4.67 -15.68 -45.34
N GLU C 59 -5.28 -16.10 -44.22
CA GLU C 59 -6.08 -17.31 -44.22
C GLU C 59 -7.32 -17.12 -45.08
N SER C 60 -7.90 -18.24 -45.49
CA SER C 60 -9.10 -18.18 -46.32
C SER C 60 -10.22 -17.48 -45.58
N GLY C 61 -10.91 -16.58 -46.30
CA GLY C 61 -12.01 -15.83 -45.73
C GLY C 61 -11.62 -14.53 -45.06
N VAL C 62 -10.34 -14.29 -44.83
CA VAL C 62 -9.92 -13.03 -44.20
C VAL C 62 -10.02 -11.91 -45.24
N PRO C 63 -10.70 -10.80 -44.93
CA PRO C 63 -10.91 -9.74 -45.93
C PRO C 63 -9.61 -9.03 -46.29
N ALA C 64 -9.61 -8.40 -47.47
CA ALA C 64 -8.40 -7.82 -48.05
C ALA C 64 -7.88 -6.61 -47.28
N ARG C 65 -8.71 -5.98 -46.44
CA ARG C 65 -8.23 -4.87 -45.65
C ARG C 65 -7.18 -5.29 -44.62
N PHE C 66 -7.05 -6.59 -44.35
CA PHE C 66 -5.99 -7.09 -43.48
C PHE C 66 -4.73 -7.34 -44.28
N SER C 67 -3.57 -7.06 -43.67
CA SER C 67 -2.31 -7.43 -44.29
C SER C 67 -1.28 -7.60 -43.19
N GLY C 68 -0.19 -8.29 -43.52
CA GLY C 68 0.91 -8.46 -42.61
C GLY C 68 2.22 -8.27 -43.33
N SER C 69 3.24 -7.82 -42.59
CA SER C 69 4.55 -7.61 -43.20
C SER C 69 5.65 -7.76 -42.15
N GLY C 70 6.88 -7.62 -42.62
CA GLY C 70 8.05 -7.66 -41.76
C GLY C 70 8.94 -8.86 -42.07
N SER C 71 10.06 -8.89 -41.37
N SER C 71 10.05 -8.90 -41.35
CA SER C 71 11.05 -9.95 -41.52
CA SER C 71 11.07 -9.92 -41.52
C SER C 71 12.04 -9.83 -40.37
C SER C 71 12.01 -9.84 -40.32
N GLY C 72 12.78 -10.90 -40.12
CA GLY C 72 13.76 -10.92 -39.06
C GLY C 72 13.14 -10.89 -37.67
N THR C 73 13.26 -9.74 -37.01
CA THR C 73 12.73 -9.59 -35.66
C THR C 73 11.46 -8.76 -35.59
N ASP C 74 11.11 -7.99 -36.63
CA ASP C 74 10.04 -7.00 -36.54
C ASP C 74 8.93 -7.29 -37.54
N PHE C 75 7.70 -7.37 -37.04
CA PHE C 75 6.54 -7.71 -37.86
C PHE C 75 5.38 -6.79 -37.55
N THR C 76 4.53 -6.59 -38.55
CA THR C 76 3.44 -5.64 -38.44
C THR C 76 2.16 -6.24 -39.01
N LEU C 77 1.06 -6.08 -38.27
CA LEU C 77 -0.28 -6.40 -38.75
C LEU C 77 -1.00 -5.08 -39.00
N THR C 78 -1.59 -4.93 -40.19
CA THR C 78 -2.25 -3.68 -40.56
C THR C 78 -3.67 -3.98 -40.97
N ILE C 79 -4.63 -3.20 -40.47
CA ILE C 79 -6.02 -3.30 -40.90
C ILE C 79 -6.47 -1.93 -41.37
N SER C 80 -6.77 -1.82 -42.65
CA SER C 80 -7.35 -0.57 -43.13
C SER C 80 -8.87 -0.64 -43.01
N SER C 81 -9.51 0.52 -43.17
CA SER C 81 -10.97 0.64 -43.23
C SER C 81 -11.64 -0.26 -42.18
N LEU C 82 -11.34 0.05 -40.91
CA LEU C 82 -11.78 -0.80 -39.81
C LEU C 82 -13.31 -0.93 -39.77
N GLN C 83 -13.76 -2.16 -39.63
CA GLN C 83 -15.15 -2.55 -39.49
C GLN C 83 -15.44 -2.97 -38.06
N PRO C 84 -16.71 -2.89 -37.61
CA PRO C 84 -17.01 -3.25 -36.21
C PRO C 84 -16.49 -4.62 -35.81
N GLU C 85 -16.56 -5.60 -36.70
CA GLU C 85 -16.13 -6.96 -36.38
C GLU C 85 -14.62 -7.10 -36.24
N ASP C 86 -13.86 -6.04 -36.54
CA ASP C 86 -12.40 -6.10 -36.47
C ASP C 86 -11.86 -5.80 -35.08
N PHE C 87 -12.70 -5.31 -34.18
CA PHE C 87 -12.21 -4.89 -32.87
C PHE C 87 -12.15 -6.12 -31.96
N ALA C 88 -10.96 -6.39 -31.45
CA ALA C 88 -10.61 -7.69 -30.91
C ALA C 88 -9.22 -7.58 -30.33
N THR C 89 -8.71 -8.65 -29.73
CA THR C 89 -7.32 -8.71 -29.31
C THR C 89 -6.54 -9.56 -30.30
N TYR C 90 -5.38 -9.08 -30.71
CA TYR C 90 -4.55 -9.74 -31.71
C TYR C 90 -3.27 -10.24 -31.06
N TYR C 91 -2.87 -11.48 -31.41
CA TYR C 91 -1.70 -12.14 -30.88
C TYR C 91 -0.79 -12.59 -32.01
N CYS C 92 0.52 -12.40 -31.85
CA CYS C 92 1.50 -13.02 -32.72
C CYS C 92 2.02 -14.31 -32.08
N GLN C 93 2.46 -15.24 -32.94
CA GLN C 93 2.99 -16.56 -32.56
C GLN C 93 4.12 -16.89 -33.51
N HIS C 94 5.24 -17.37 -32.99
CA HIS C 94 6.28 -17.86 -33.88
C HIS C 94 6.23 -19.36 -34.00
N SER C 95 6.79 -19.87 -35.11
CA SER C 95 7.03 -21.30 -35.31
C SER C 95 8.49 -21.51 -35.66
N TRP C 96 9.38 -20.80 -34.95
CA TRP C 96 10.81 -20.91 -35.20
C TRP C 96 11.39 -22.17 -34.58
N GLU C 97 10.97 -22.50 -33.37
CA GLU C 97 11.57 -23.55 -32.56
C GLU C 97 10.58 -23.89 -31.46
N MET C 98 10.89 -24.97 -30.73
CA MET C 98 10.21 -25.27 -29.47
C MET C 98 10.95 -24.59 -28.34
N PRO C 99 10.22 -24.02 -27.36
CA PRO C 99 8.75 -24.00 -27.30
C PRO C 99 8.11 -22.88 -28.11
N LEU C 100 6.90 -23.14 -28.60
CA LEU C 100 6.10 -22.07 -29.19
C LEU C 100 5.78 -21.03 -28.14
N THR C 101 5.91 -19.76 -28.52
CA THR C 101 5.55 -18.66 -27.63
C THR C 101 4.74 -17.65 -28.42
N PHE C 102 3.97 -16.86 -27.66
CA PHE C 102 3.02 -15.88 -28.18
C PHE C 102 3.34 -14.49 -27.63
N GLY C 103 2.95 -13.48 -28.38
CA GLY C 103 2.97 -12.13 -27.85
C GLY C 103 1.96 -11.97 -26.73
N GLN C 104 2.07 -10.85 -26.01
CA GLN C 104 1.18 -10.61 -24.87
C GLN C 104 -0.19 -10.10 -25.28
N GLY C 105 -0.38 -9.77 -26.55
CA GLY C 105 -1.63 -9.35 -27.12
C GLY C 105 -1.76 -7.84 -27.21
N THR C 106 -2.47 -7.39 -28.25
CA THR C 106 -2.80 -5.98 -28.46
C THR C 106 -4.31 -5.85 -28.61
N LYS C 107 -4.95 -5.10 -27.72
CA LYS C 107 -6.39 -4.95 -27.77
C LYS C 107 -6.76 -3.75 -28.62
N LEU C 108 -7.52 -3.98 -29.67
CA LEU C 108 -7.93 -2.93 -30.58
C LEU C 108 -9.36 -2.55 -30.24
N GLU C 109 -9.57 -1.30 -29.85
CA GLU C 109 -10.87 -0.80 -29.41
C GLU C 109 -11.34 0.30 -30.34
N ILE C 110 -12.63 0.61 -30.24
CA ILE C 110 -13.26 1.62 -31.12
C ILE C 110 -13.09 3.00 -30.50
N LYS C 111 -12.48 3.91 -31.27
CA LYS C 111 -12.43 5.31 -30.87
C LYS C 111 -13.72 5.98 -31.32
N ARG C 112 -14.44 6.58 -30.39
CA ARG C 112 -15.63 7.36 -30.68
C ARG C 112 -15.49 8.74 -30.05
N THR C 113 -16.52 9.57 -30.19
CA THR C 113 -16.47 10.90 -29.60
C THR C 113 -16.55 10.83 -28.08
N VAL C 114 -16.08 11.90 -27.44
CA VAL C 114 -16.11 11.98 -25.98
C VAL C 114 -17.56 11.96 -25.47
N ALA C 115 -17.78 11.20 -24.40
CA ALA C 115 -19.09 11.15 -23.74
C ALA C 115 -18.87 11.21 -22.23
N ALA C 116 -19.52 12.17 -21.57
CA ALA C 116 -19.33 12.30 -20.13
C ALA C 116 -20.12 11.23 -19.38
N PRO C 117 -19.60 10.74 -18.24
CA PRO C 117 -20.33 9.75 -17.45
C PRO C 117 -21.50 10.38 -16.72
N SER C 118 -22.55 9.57 -16.54
CA SER C 118 -23.64 9.89 -15.61
C SER C 118 -23.29 9.20 -14.30
N VAL C 119 -23.24 9.96 -13.21
CA VAL C 119 -22.68 9.47 -11.96
C VAL C 119 -23.80 9.28 -10.94
N PHE C 120 -23.72 8.17 -10.20
CA PHE C 120 -24.69 7.81 -9.17
C PHE C 120 -23.95 7.27 -7.96
N ILE C 121 -24.45 7.55 -6.76
CA ILE C 121 -23.88 6.96 -5.54
C ILE C 121 -24.98 6.17 -4.83
N PHE C 122 -24.58 5.04 -4.24
CA PHE C 122 -25.49 4.18 -3.51
C PHE C 122 -24.97 3.94 -2.10
N PRO C 123 -25.79 4.16 -1.08
CA PRO C 123 -25.36 3.86 0.30
C PRO C 123 -25.40 2.36 0.56
N PRO C 124 -24.75 1.91 1.63
CA PRO C 124 -24.92 0.51 2.03
C PRO C 124 -26.34 0.25 2.52
N SER C 125 -26.78 -0.97 2.29
CA SER C 125 -28.11 -1.36 2.70
C SER C 125 -28.11 -1.71 4.18
N ASP C 126 -29.25 -1.48 4.85
CA ASP C 126 -29.33 -1.89 6.24
C ASP C 126 -29.08 -3.38 6.39
N GLU C 127 -29.49 -4.19 5.41
CA GLU C 127 -29.26 -5.62 5.47
C GLU C 127 -27.77 -5.94 5.55
N GLN C 128 -26.95 -5.27 4.74
CA GLN C 128 -25.52 -5.59 4.77
C GLN C 128 -24.90 -5.13 6.09
N LEU C 129 -25.32 -3.96 6.58
CA LEU C 129 -24.80 -3.46 7.86
C LEU C 129 -25.06 -4.46 9.00
N LYS C 130 -26.18 -5.18 8.96
CA LYS C 130 -26.44 -6.24 9.94
C LYS C 130 -25.30 -7.23 10.02
N SER C 131 -24.66 -7.53 8.89
CA SER C 131 -23.62 -8.54 8.81
C SER C 131 -22.22 -8.01 9.12
N GLY C 132 -22.06 -6.72 9.35
CA GLY C 132 -20.80 -6.17 9.83
C GLY C 132 -19.96 -5.44 8.81
N THR C 133 -20.45 -5.26 7.59
CA THR C 133 -19.68 -4.61 6.52
C THR C 133 -20.54 -3.57 5.84
N ALA C 134 -19.89 -2.57 5.25
CA ALA C 134 -20.59 -1.53 4.49
C ALA C 134 -19.91 -1.38 3.15
N SER C 135 -20.66 -1.60 2.09
CA SER C 135 -20.17 -1.35 0.74
C SER C 135 -20.87 -0.10 0.22
N VAL C 136 -20.09 0.87 -0.24
CA VAL C 136 -20.61 2.09 -0.84
C VAL C 136 -20.22 2.06 -2.31
N VAL C 137 -21.18 2.25 -3.21
CA VAL C 137 -20.94 2.03 -4.63
C VAL C 137 -21.11 3.35 -5.38
N CYS C 138 -20.16 3.65 -6.23
CA CYS C 138 -20.24 4.78 -7.13
C CYS C 138 -20.29 4.26 -8.56
N LEU C 139 -21.31 4.68 -9.31
CA LEU C 139 -21.50 4.20 -10.68
C LEU C 139 -21.21 5.32 -11.67
N LEU C 140 -20.42 5.01 -12.70
CA LEU C 140 -20.20 5.90 -13.85
C LEU C 140 -20.76 5.22 -15.07
N ASN C 141 -21.79 5.81 -15.67
CA ASN C 141 -22.54 5.15 -16.72
C ASN C 141 -22.25 5.79 -18.07
N ASN C 142 -21.87 4.96 -19.05
CA ASN C 142 -21.90 5.26 -20.48
C ASN C 142 -20.97 6.43 -20.84
N PHE C 143 -19.67 6.21 -20.65
CA PHE C 143 -18.71 7.28 -20.91
C PHE C 143 -17.66 6.83 -21.90
N TYR C 144 -16.97 7.82 -22.48
CA TYR C 144 -15.86 7.57 -23.40
C TYR C 144 -14.95 8.81 -23.38
N PRO C 145 -13.62 8.62 -23.31
CA PRO C 145 -12.87 7.36 -23.28
C PRO C 145 -12.78 6.73 -21.89
N ARG C 146 -12.00 5.66 -21.81
CA ARG C 146 -11.96 4.81 -20.62
C ARG C 146 -11.39 5.55 -19.41
N GLU C 147 -10.48 6.48 -19.65
CA GLU C 147 -9.78 7.15 -18.56
C GLU C 147 -10.76 7.93 -17.69
N ALA C 148 -10.76 7.62 -16.40
CA ALA C 148 -11.60 8.34 -15.47
C ALA C 148 -10.95 8.20 -14.12
N LYS C 149 -11.08 9.22 -13.30
CA LYS C 149 -10.54 9.12 -11.96
C LYS C 149 -11.70 9.23 -10.99
N VAL C 150 -11.79 8.27 -10.09
CA VAL C 150 -12.82 8.24 -9.06
C VAL C 150 -12.13 8.36 -7.72
N GLN C 151 -12.48 9.41 -6.97
CA GLN C 151 -11.86 9.68 -5.68
C GLN C 151 -12.94 9.63 -4.61
N TRP C 152 -12.77 8.71 -3.66
CA TRP C 152 -13.69 8.66 -2.53
C TRP C 152 -13.24 9.63 -1.45
N LYS C 153 -14.21 10.29 -0.83
CA LYS C 153 -13.96 11.18 0.30
C LYS C 153 -14.92 10.82 1.40
N VAL C 154 -14.41 10.72 2.61
CA VAL C 154 -15.22 10.37 3.77
C VAL C 154 -14.96 11.48 4.78
N ASP C 155 -15.96 12.31 5.02
CA ASP C 155 -15.78 13.50 5.87
C ASP C 155 -14.56 14.31 5.41
N ASN C 156 -14.42 14.45 4.09
CA ASN C 156 -13.39 15.23 3.39
C ASN C 156 -12.02 14.58 3.40
N ALA C 157 -11.86 13.43 4.04
CA ALA C 157 -10.59 12.72 3.98
C ALA C 157 -10.51 11.92 2.70
N LEU C 158 -9.42 12.08 1.95
CA LEU C 158 -9.26 11.33 0.71
C LEU C 158 -8.91 9.89 1.03
N GLN C 159 -9.63 8.96 0.40
CA GLN C 159 -9.50 7.53 0.66
C GLN C 159 -8.54 6.89 -0.32
N SER C 160 -7.81 5.91 0.16
CA SER C 160 -7.04 5.07 -0.75
C SER C 160 -6.94 3.67 -0.15
N GLY C 161 -6.76 2.68 -1.01
CA GLY C 161 -6.52 1.31 -0.61
C GLY C 161 -7.76 0.53 -0.25
N ASN C 162 -8.91 1.19 -0.13
CA ASN C 162 -10.14 0.54 0.34
C ASN C 162 -11.23 0.55 -0.73
N SER C 163 -10.88 0.74 -2.00
CA SER C 163 -11.88 0.68 -3.06
C SER C 163 -11.35 -0.13 -4.24
N GLN C 164 -12.29 -0.68 -5.02
CA GLN C 164 -11.93 -1.45 -6.20
C GLN C 164 -12.85 -1.05 -7.33
N GLU C 165 -12.29 -0.97 -8.53
CA GLU C 165 -13.00 -0.59 -9.74
C GLU C 165 -13.22 -1.80 -10.63
N SER C 166 -14.37 -1.81 -11.31
CA SER C 166 -14.65 -2.78 -12.35
C SER C 166 -15.26 -2.06 -13.53
N VAL C 167 -14.87 -2.46 -14.74
N VAL C 167 -14.86 -2.46 -14.74
CA VAL C 167 -15.29 -1.76 -15.95
CA VAL C 167 -15.29 -1.76 -15.96
C VAL C 167 -15.88 -2.76 -16.94
C VAL C 167 -15.89 -2.77 -16.94
N THR C 168 -16.93 -2.34 -17.65
CA THR C 168 -17.50 -3.17 -18.69
C THR C 168 -16.63 -3.09 -19.96
N GLU C 169 -16.86 -4.05 -20.86
CA GLU C 169 -16.36 -3.92 -22.22
C GLU C 169 -17.13 -2.82 -22.96
N GLN C 170 -16.56 -2.37 -24.07
CA GLN C 170 -17.25 -1.38 -24.89
C GLN C 170 -18.63 -1.86 -25.28
N ASP C 171 -19.62 -0.99 -25.08
CA ASP C 171 -20.99 -1.31 -25.43
C ASP C 171 -21.11 -1.56 -26.92
N SER C 172 -21.86 -2.62 -27.27
CA SER C 172 -22.02 -3.01 -28.67
C SER C 172 -22.76 -1.98 -29.49
N LYS C 173 -23.58 -1.14 -28.86
CA LYS C 173 -24.40 -0.16 -29.58
C LYS C 173 -23.76 1.24 -29.61
N ASP C 174 -23.29 1.75 -28.47
CA ASP C 174 -22.74 3.11 -28.42
C ASP C 174 -21.25 3.17 -28.14
N SER C 175 -20.58 2.03 -27.96
CA SER C 175 -19.13 1.98 -27.79
C SER C 175 -18.67 2.72 -26.52
N THR C 176 -19.54 2.91 -25.55
CA THR C 176 -19.12 3.52 -24.29
C THR C 176 -18.73 2.45 -23.28
N TYR C 177 -18.16 2.91 -22.17
CA TYR C 177 -17.85 2.10 -21.00
C TYR C 177 -18.77 2.49 -19.85
N SER C 178 -18.92 1.57 -18.92
CA SER C 178 -19.48 1.91 -17.62
C SER C 178 -18.55 1.34 -16.57
N LEU C 179 -18.56 1.96 -15.40
CA LEU C 179 -17.59 1.60 -14.36
C LEU C 179 -18.27 1.65 -13.01
N SER C 180 -17.92 0.69 -12.14
CA SER C 180 -18.32 0.73 -10.74
C SER C 180 -17.08 0.92 -9.87
N SER C 181 -17.18 1.75 -8.85
CA SER C 181 -16.14 1.84 -7.84
C SER C 181 -16.79 1.52 -6.52
N THR C 182 -16.23 0.57 -5.79
CA THR C 182 -16.86 0.09 -4.57
C THR C 182 -15.92 0.34 -3.41
N LEU C 183 -16.37 1.19 -2.47
CA LEU C 183 -15.63 1.46 -1.24
C LEU C 183 -16.11 0.49 -0.17
N THR C 184 -15.19 -0.28 0.43
CA THR C 184 -15.59 -1.29 1.41
C THR C 184 -15.02 -0.94 2.77
N LEU C 185 -15.90 -0.80 3.76
CA LEU C 185 -15.54 -0.43 5.11
C LEU C 185 -16.13 -1.43 6.09
N SER C 186 -15.47 -1.57 7.23
CA SER C 186 -16.13 -2.25 8.34
C SER C 186 -17.32 -1.41 8.78
N LYS C 187 -18.33 -2.08 9.34
CA LYS C 187 -19.44 -1.33 9.93
C LYS C 187 -18.93 -0.33 10.96
N ALA C 188 -17.93 -0.73 11.75
CA ALA C 188 -17.36 0.16 12.76
C ALA C 188 -16.81 1.45 12.14
N ASP C 189 -15.98 1.32 11.10
CA ASP C 189 -15.47 2.51 10.42
C ASP C 189 -16.61 3.31 9.80
N TYR C 190 -17.57 2.63 9.17
CA TYR C 190 -18.65 3.34 8.48
C TYR C 190 -19.46 4.21 9.45
N GLU C 191 -19.74 3.68 10.64
CA GLU C 191 -20.55 4.42 11.59
C GLU C 191 -19.81 5.58 12.24
N LYS C 192 -18.49 5.67 12.07
CA LYS C 192 -17.72 6.76 12.64
C LYS C 192 -17.66 8.00 11.76
N HIS C 193 -18.33 7.99 10.61
CA HIS C 193 -18.24 9.09 9.66
C HIS C 193 -19.61 9.40 9.11
N LYS C 194 -19.77 10.62 8.60
CA LYS C 194 -21.08 11.09 8.15
C LYS C 194 -21.19 11.28 6.65
N VAL C 195 -20.27 12.01 6.02
CA VAL C 195 -20.43 12.39 4.62
C VAL C 195 -19.62 11.45 3.74
N TYR C 196 -20.30 10.76 2.82
CA TYR C 196 -19.68 9.80 1.92
C TYR C 196 -19.83 10.34 0.52
N ALA C 197 -18.70 10.52 -0.19
CA ALA C 197 -18.75 11.21 -1.46
C ALA C 197 -17.83 10.55 -2.47
N CYS C 198 -18.28 10.46 -3.72
N CYS C 198 -18.27 10.59 -3.72
CA CYS C 198 -17.37 10.07 -4.79
CA CYS C 198 -17.53 10.10 -4.87
C CYS C 198 -17.29 11.18 -5.81
C CYS C 198 -17.32 11.28 -5.82
N GLU C 199 -16.06 11.56 -6.13
CA GLU C 199 -15.73 12.66 -7.04
C GLU C 199 -15.15 12.07 -8.32
N VAL C 200 -15.74 12.43 -9.46
CA VAL C 200 -15.41 11.83 -10.75
C VAL C 200 -14.80 12.90 -11.65
N THR C 201 -13.60 12.63 -12.14
CA THR C 201 -12.91 13.47 -13.11
C THR C 201 -12.88 12.74 -14.45
N HIS C 202 -13.32 13.41 -15.51
CA HIS C 202 -13.30 12.81 -16.83
C HIS C 202 -13.23 13.91 -17.89
N GLN C 203 -12.60 13.56 -19.02
CA GLN C 203 -12.39 14.49 -20.13
C GLN C 203 -13.68 15.17 -20.57
N GLY C 204 -14.80 14.44 -20.54
CA GLY C 204 -16.10 14.97 -20.92
C GLY C 204 -16.77 15.87 -19.90
N LEU C 205 -16.18 16.03 -18.72
CA LEU C 205 -16.72 16.90 -17.68
C LEU C 205 -15.86 18.16 -17.61
N SER C 206 -16.51 19.34 -17.65
CA SER C 206 -15.75 20.58 -17.57
C SER C 206 -15.09 20.75 -16.21
N SER C 207 -15.67 20.18 -15.16
CA SER C 207 -15.09 20.16 -13.83
C SER C 207 -15.60 18.89 -13.14
N PRO C 208 -14.90 18.41 -12.11
CA PRO C 208 -15.27 17.11 -11.52
C PRO C 208 -16.68 17.14 -10.95
N VAL C 209 -17.36 16.00 -11.05
CA VAL C 209 -18.72 15.84 -10.54
C VAL C 209 -18.64 15.02 -9.25
N THR C 210 -19.32 15.49 -8.21
CA THR C 210 -19.36 14.80 -6.94
C THR C 210 -20.79 14.42 -6.60
N LYS C 211 -20.99 13.15 -6.25
CA LYS C 211 -22.24 12.67 -5.67
C LYS C 211 -21.97 12.27 -4.23
N SER C 212 -22.90 12.57 -3.34
CA SER C 212 -22.67 12.29 -1.94
C SER C 212 -23.99 11.94 -1.26
N PHE C 213 -23.86 11.31 -0.09
CA PHE C 213 -24.98 11.15 0.82
C PHE C 213 -24.47 11.28 2.25
N ASN C 214 -25.39 11.55 3.17
CA ASN C 214 -25.06 11.59 4.59
C ASN C 214 -25.53 10.29 5.25
N ARG C 215 -24.65 9.65 6.01
CA ARG C 215 -25.02 8.41 6.69
C ARG C 215 -26.18 8.68 7.63
N GLY C 216 -27.14 7.77 7.63
CA GLY C 216 -28.26 7.87 8.55
C GLY C 216 -29.45 8.63 8.03
N GLU C 217 -29.49 8.91 6.73
CA GLU C 217 -30.63 9.54 6.09
C GLU C 217 -31.20 8.72 4.96
N CYS C 218 -30.72 7.50 4.81
CA CYS C 218 -31.12 6.65 3.66
C CYS C 218 -31.99 5.47 4.08
N GLN D 1 -15.56 -30.59 -40.71
CA GLN D 1 -16.28 -30.08 -39.55
C GLN D 1 -15.49 -30.33 -38.27
N VAL D 2 -14.23 -29.88 -38.27
CA VAL D 2 -13.38 -30.08 -37.10
C VAL D 2 -14.01 -29.42 -35.89
N GLN D 3 -14.21 -30.20 -34.83
CA GLN D 3 -14.77 -29.71 -33.57
C GLN D 3 -13.97 -30.26 -32.42
N LEU D 4 -13.57 -29.37 -31.51
CA LEU D 4 -12.86 -29.73 -30.30
C LEU D 4 -13.75 -29.32 -29.13
N VAL D 5 -14.10 -30.28 -28.28
CA VAL D 5 -15.02 -30.03 -27.15
C VAL D 5 -14.32 -30.38 -25.86
N GLN D 6 -14.17 -29.40 -24.97
CA GLN D 6 -13.42 -29.60 -23.74
C GLN D 6 -14.38 -29.90 -22.61
N SER D 7 -13.82 -30.50 -21.56
CA SER D 7 -14.56 -30.75 -20.34
C SER D 7 -14.89 -29.43 -19.64
N GLY D 8 -15.67 -29.52 -18.56
CA GLY D 8 -16.24 -28.34 -17.95
C GLY D 8 -15.31 -27.65 -16.95
N ALA D 9 -15.77 -26.50 -16.46
CA ALA D 9 -14.99 -25.71 -15.52
C ALA D 9 -14.61 -26.54 -14.29
N GLU D 10 -13.46 -26.23 -13.72
CA GLU D 10 -12.98 -26.96 -12.55
C GLU D 10 -12.45 -26.00 -11.49
N VAL D 11 -12.62 -26.38 -10.22
CA VAL D 11 -12.14 -25.62 -9.08
C VAL D 11 -11.30 -26.55 -8.22
N LYS D 12 -10.10 -26.09 -7.83
CA LYS D 12 -9.09 -26.92 -7.18
C LYS D 12 -8.42 -26.17 -6.05
N LYS D 13 -7.98 -26.92 -5.02
CA LYS D 13 -7.20 -26.30 -3.95
C LYS D 13 -5.71 -26.38 -4.27
N PRO D 14 -4.91 -25.48 -3.73
CA PRO D 14 -3.46 -25.53 -3.99
C PRO D 14 -2.87 -26.87 -3.59
N GLY D 15 -1.98 -27.39 -4.43
CA GLY D 15 -1.35 -28.66 -4.23
C GLY D 15 -2.03 -29.83 -4.90
N SER D 16 -3.24 -29.65 -5.43
N SER D 16 -3.24 -29.64 -5.42
CA SER D 16 -3.99 -30.73 -6.02
CA SER D 16 -3.99 -30.73 -6.03
C SER D 16 -3.58 -30.92 -7.49
C SER D 16 -3.62 -30.89 -7.51
N SER D 17 -4.32 -31.78 -8.20
CA SER D 17 -4.08 -32.07 -9.59
C SER D 17 -5.37 -31.86 -10.37
N VAL D 18 -5.26 -31.29 -11.57
CA VAL D 18 -6.43 -31.10 -12.42
C VAL D 18 -6.19 -31.85 -13.73
N LYS D 19 -7.25 -32.41 -14.31
CA LYS D 19 -7.15 -33.15 -15.57
C LYS D 19 -8.25 -32.71 -16.54
N VAL D 20 -7.87 -31.96 -17.57
CA VAL D 20 -8.81 -31.40 -18.54
C VAL D 20 -8.87 -32.31 -19.76
N SER D 21 -10.07 -32.50 -20.30
CA SER D 21 -10.31 -33.34 -21.46
C SER D 21 -10.63 -32.51 -22.70
N CYS D 22 -10.38 -33.12 -23.87
CA CYS D 22 -10.63 -32.45 -25.15
C CYS D 22 -11.03 -33.51 -26.17
N LYS D 23 -12.31 -33.57 -26.47
CA LYS D 23 -12.80 -34.57 -27.39
C LYS D 23 -12.80 -34.02 -28.82
N ALA D 24 -12.14 -34.72 -29.74
CA ALA D 24 -12.01 -34.23 -31.11
C ALA D 24 -12.97 -34.96 -32.05
N SER D 25 -13.35 -34.27 -33.12
N SER D 25 -13.39 -34.27 -33.11
CA SER D 25 -14.27 -34.84 -34.09
CA SER D 25 -14.40 -34.83 -34.02
C SER D 25 -13.92 -34.30 -35.47
C SER D 25 -14.50 -33.98 -35.28
N GLY D 26 -14.01 -35.16 -36.47
N GLY D 26 -15.19 -34.53 -36.28
CA GLY D 26 -13.86 -34.72 -37.85
CA GLY D 26 -15.50 -33.85 -37.53
C GLY D 26 -12.45 -34.75 -38.39
C GLY D 26 -14.51 -34.05 -38.65
N TYR D 27 -11.52 -35.44 -37.75
N TYR D 27 -13.43 -34.78 -38.41
CA TYR D 27 -10.19 -35.61 -38.32
CA TYR D 27 -12.40 -35.06 -39.39
C TYR D 27 -9.52 -36.82 -37.68
C TYR D 27 -11.77 -36.38 -38.97
N THR D 28 -8.44 -37.27 -38.31
N THR D 28 -10.86 -36.89 -39.81
CA THR D 28 -7.67 -38.40 -37.77
CA THR D 28 -10.10 -38.06 -39.40
C THR D 28 -6.89 -37.92 -36.55
C THR D 28 -9.21 -37.65 -38.24
N PHE D 29 -7.49 -38.12 -35.37
N PHE D 29 -9.62 -38.04 -37.02
CA PHE D 29 -6.92 -37.65 -34.11
CA PHE D 29 -8.97 -37.59 -35.79
C PHE D 29 -5.48 -38.10 -33.95
C PHE D 29 -7.47 -37.88 -35.79
N SER D 30 -5.16 -39.30 -34.41
N SER D 30 -7.07 -39.06 -36.27
CA SER D 30 -3.85 -39.90 -34.25
CA SER D 30 -5.70 -39.52 -36.09
C SER D 30 -2.76 -39.22 -35.07
C SER D 30 -4.68 -38.76 -36.94
N GLY D 31 -3.11 -38.37 -36.03
N GLY D 31 -5.12 -37.96 -37.90
CA GLY D 31 -2.15 -37.82 -36.96
CA GLY D 31 -4.22 -37.41 -38.90
C GLY D 31 -1.80 -36.36 -36.82
C GLY D 31 -3.68 -36.02 -38.65
N TYR D 32 -2.25 -35.68 -35.78
N TYR D 32 -3.98 -35.40 -37.50
CA TYR D 32 -2.05 -34.25 -35.62
CA TYR D 32 -3.52 -34.05 -37.21
C TYR D 32 -1.55 -33.97 -34.20
C TYR D 32 -3.13 -33.96 -35.74
N TRP D 33 -0.57 -33.09 -34.09
N TRP D 33 -2.10 -33.15 -35.47
CA TRP D 33 -0.10 -32.68 -32.76
CA TRP D 33 -1.69 -32.92 -34.09
C TRP D 33 -1.22 -31.96 -32.01
C TRP D 33 -2.77 -32.18 -33.31
N MET D 34 -1.37 -32.31 -30.74
N MET D 34 -2.85 -32.45 -32.01
CA MET D 34 -2.34 -31.65 -29.87
CA MET D 34 -3.76 -31.75 -31.09
C MET D 34 -1.57 -30.88 -28.81
C MET D 34 -2.94 -31.10 -29.99
N ASN D 35 -1.84 -29.58 -28.73
N ASN D 35 -3.17 -29.80 -29.72
CA ASN D 35 -1.13 -28.66 -27.86
CA ASN D 35 -2.33 -29.04 -28.79
C ASN D 35 -2.03 -28.26 -26.72
C ASN D 35 -3.15 -28.57 -27.59
N TRP D 36 -1.42 -27.84 -25.62
N TRP D 36 -2.44 -27.95 -26.64
CA TRP D 36 -2.15 -27.20 -24.55
CA TRP D 36 -3.00 -27.40 -25.40
C TRP D 36 -1.68 -25.76 -24.44
C TRP D 36 -2.28 -26.10 -25.04
N VAL D 37 -2.65 -24.86 -24.53
N VAL D 37 -3.07 -25.09 -24.65
CA VAL D 37 -2.42 -23.43 -24.48
CA VAL D 37 -2.59 -23.74 -24.34
C VAL D 37 -3.35 -22.89 -23.41
C VAL D 37 -3.33 -23.23 -23.11
N ARG D 38 -2.78 -22.22 -22.43
CA ARG D 38 -3.53 -21.59 -21.35
C ARG D 38 -3.47 -20.07 -21.45
N GLN D 39 -4.52 -19.43 -20.94
CA GLN D 39 -4.68 -17.98 -21.03
C GLN D 39 -5.18 -17.44 -19.70
N ALA D 40 -4.36 -16.61 -19.06
CA ALA D 40 -4.76 -15.91 -17.85
C ALA D 40 -4.56 -14.42 -18.06
N PRO D 41 -5.33 -13.58 -17.36
CA PRO D 41 -5.19 -12.12 -17.52
C PRO D 41 -3.76 -11.65 -17.35
N GLY D 42 -3.32 -10.81 -18.30
CA GLY D 42 -1.99 -10.24 -18.26
C GLY D 42 -0.86 -11.17 -18.63
N GLN D 43 -1.13 -12.46 -18.84
CA GLN D 43 -0.10 -13.44 -19.11
C GLN D 43 -0.13 -13.93 -20.55
N GLY D 44 -0.72 -13.15 -21.46
CA GLY D 44 -0.76 -13.51 -22.87
C GLY D 44 -1.32 -14.90 -23.08
N LEU D 45 -0.69 -15.64 -23.98
CA LEU D 45 -1.01 -17.04 -24.22
C LEU D 45 0.24 -17.85 -23.96
N GLU D 46 0.07 -18.99 -23.28
CA GLU D 46 1.17 -19.83 -22.84
C GLU D 46 0.99 -21.22 -23.42
N TRP D 47 1.97 -21.67 -24.20
CA TRP D 47 1.89 -22.98 -24.82
C TRP D 47 2.41 -24.05 -23.85
N ILE D 48 1.57 -24.97 -23.40
N ILE D 48 1.65 -25.18 -23.87
CA ILE D 48 2.05 -25.79 -22.27
CA ILE D 48 1.79 -26.32 -22.96
C ILE D 48 2.95 -26.90 -22.75
C ILE D 48 2.30 -27.57 -23.68
N GLY D 49 2.41 -27.74 -23.62
N GLY D 49 1.60 -28.02 -24.71
CA GLY D 49 3.20 -28.75 -24.28
CA GLY D 49 2.03 -29.23 -25.41
C GLY D 49 2.38 -29.30 -25.41
C GLY D 49 1.00 -29.75 -26.41
N GLN D 50 2.87 -30.39 -25.99
N GLN D 50 1.29 -30.94 -26.93
CA GLN D 50 2.15 -31.00 -27.09
CA GLN D 50 0.54 -31.50 -28.05
C GLN D 50 2.35 -32.50 -27.03
C GLN D 50 0.69 -33.01 -28.13
N ILE D 51 1.41 -33.24 -27.63
N ILE D 51 -0.23 -33.66 -28.87
CA ILE D 51 1.53 -34.68 -27.76
CA ILE D 51 -0.19 -35.10 -29.10
C ILE D 51 1.09 -35.08 -29.16
C ILE D 51 -0.60 -35.39 -30.54
N TYR D 52 1.81 -36.01 -29.76
N TYR D 52 0.01 -36.42 -31.15
CA TYR D 52 1.39 -36.60 -31.02
CA TYR D 52 -0.43 -36.88 -32.46
C TYR D 52 0.68 -37.91 -30.73
C TYR D 52 -1.26 -38.15 -32.27
N PRO D 53 -0.66 -37.96 -30.82
N PRO D 53 -2.57 -38.09 -32.41
CA PRO D 53 -1.38 -39.11 -30.26
CA PRO D 53 -3.41 -39.21 -31.95
C PRO D 53 -1.01 -40.44 -30.89
C PRO D 53 -3.20 -40.47 -32.74
N GLY D 54 -0.57 -40.43 -32.14
N GLY D 54 -2.66 -40.39 -33.94
CA GLY D 54 -0.22 -41.66 -32.84
CA GLY D 54 -2.26 -41.56 -34.70
C GLY D 54 0.76 -42.51 -32.06
C GLY D 54 -1.43 -42.53 -33.88
N ASP D 55 1.91 -41.93 -31.70
N ASP D 55 -0.28 -42.10 -33.37
CA ASP D 55 2.95 -42.66 -31.00
CA ASP D 55 0.61 -43.00 -32.65
C ASP D 55 3.21 -42.12 -29.59
C ASP D 55 0.81 -42.65 -31.19
N GLY D 56 2.40 -41.18 -29.11
N GLY D 56 0.19 -41.58 -30.69
CA GLY D 56 2.54 -40.67 -27.76
CA GLY D 56 0.34 -41.18 -29.31
C GLY D 56 3.74 -39.80 -27.49
C GLY D 56 1.60 -40.40 -29.00
N ASP D 57 4.46 -39.37 -28.53
N ASP D 57 2.39 -40.03 -30.01
CA ASP D 57 5.61 -38.50 -28.33
CA ASP D 57 3.59 -39.24 -29.78
C ASP D 57 5.14 -37.16 -27.77
C ASP D 57 3.22 -37.88 -29.19
N THR D 58 5.94 -36.58 -26.87
N THR D 58 4.03 -37.41 -28.24
CA THR D 58 5.60 -35.31 -26.23
CA THR D 58 3.74 -36.17 -27.54
C THR D 58 6.78 -34.35 -26.29
C THR D 58 4.95 -35.25 -27.53
N ASN D 59 6.44 -33.06 -26.32
N ASN D 59 4.67 -33.95 -27.51
CA ASN D 59 7.39 -31.96 -26.14
CA ASN D 59 5.66 -32.90 -27.26
C ASN D 59 6.80 -30.99 -25.14
C ASN D 59 5.10 -31.98 -26.19
N TYR D 60 7.57 -30.63 -24.12
N TYR D 60 5.93 -31.62 -25.21
CA TYR D 60 7.07 -29.75 -23.07
CA TYR D 60 5.51 -30.82 -24.08
C TYR D 60 7.83 -28.43 -23.03
C TYR D 60 6.39 -29.59 -23.93
N ASN D 61 7.13 -27.38 -22.59
N ASN D 61 5.79 -28.51 -23.46
CA ASN D 61 7.80 -26.15 -22.20
CA ASN D 61 6.54 -27.35 -23.00
C ASN D 61 8.59 -26.39 -20.92
C ASN D 61 7.21 -27.69 -21.68
N GLY D 62 9.90 -26.12 -20.95
N GLY D 62 8.51 -27.40 -21.57
CA GLY D 62 10.74 -26.32 -19.78
CA GLY D 62 9.26 -27.73 -20.37
C GLY D 62 10.23 -25.63 -18.53
C GLY D 62 8.77 -27.04 -19.12
N LYS D 63 9.48 -24.55 -18.69
N LYS D 63 7.94 -26.01 -19.27
CA LYS D 63 8.86 -23.88 -17.54
CA LYS D 63 7.38 -25.33 -18.11
C LYS D 63 7.94 -24.81 -16.76
C LYS D 63 6.43 -26.24 -17.34
N PHE D 64 7.40 -25.84 -17.41
N PHE D 64 5.83 -27.23 -18.01
CA PHE D 64 6.43 -26.74 -16.80
CA PHE D 64 4.93 -28.19 -17.38
C PHE D 64 6.92 -28.18 -16.66
C PHE D 64 5.43 -29.62 -17.52
N LYS D 65 8.08 -28.53 -17.21
N LYS D 65 6.74 -29.79 -17.80
CA LYS D 65 8.50 -29.92 -17.19
CA LYS D 65 7.27 -31.07 -18.29
C LYS D 65 8.66 -30.42 -15.76
C LYS D 65 6.90 -32.24 -17.37
N GLY D 66 8.28 -31.68 -15.55
N GLY D 66 7.21 -32.12 -16.08
CA GLY D 66 8.27 -32.24 -14.21
CA GLY D 66 6.93 -33.21 -15.17
C GLY D 66 7.08 -31.85 -13.39
C GLY D 66 5.58 -33.14 -14.50
N ARG D 67 6.18 -31.02 -13.92
N ARG D 67 4.70 -32.25 -14.96
CA ARG D 67 4.95 -30.66 -13.24
CA ARG D 67 3.38 -32.06 -14.39
C ARG D 67 3.70 -30.87 -14.08
C ARG D 67 2.25 -32.28 -15.38
N VAL D 68 3.82 -31.03 -15.40
N VAL D 68 2.55 -32.36 -16.67
CA VAL D 68 2.67 -31.26 -16.26
CA VAL D 68 1.54 -32.50 -17.70
C VAL D 68 2.90 -32.56 -17.01
C VAL D 68 1.77 -33.77 -18.49
N THR D 69 1.83 -33.34 -17.16
N THR D 69 0.68 -34.37 -18.95
CA THR D 69 1.86 -34.59 -17.91
CA THR D 69 0.74 -35.40 -19.96
C THR D 69 0.77 -34.52 -18.97
C THR D 69 -0.57 -35.32 -20.74
N ILE D 70 1.16 -34.64 -20.24
N ILE D 70 -0.51 -35.75 -21.99
CA ILE D 70 0.21 -34.62 -21.35
CA ILE D 70 -1.63 -35.63 -22.90
C ILE D 70 0.09 -36.03 -21.91
C ILE D 70 -1.85 -36.98 -23.54
N THR D 71 -1.15 -36.51 -22.03
N THR D 71 -3.11 -37.42 -23.60
CA THR D 71 -1.46 -37.87 -22.46
CA THR D 71 -3.47 -38.72 -24.14
C THR D 71 -2.55 -37.85 -23.52
C THR D 71 -4.51 -38.56 -25.23
N ALA D 72 -2.75 -38.99 -24.17
N ALA D 72 -4.74 -39.63 -25.99
CA ALA D 72 -3.73 -39.11 -25.25
CA ALA D 72 -5.69 -39.59 -27.10
C ALA D 72 -4.25 -40.53 -25.37
C ALA D 72 -6.24 -40.97 -27.38
N ASP D 73 -5.57 -40.66 -25.51
N ASP D 73 -7.58 -41.07 -27.46
CA ASP D 73 -6.27 -41.93 -25.62
CA ASP D 73 -8.28 -42.31 -27.70
C ASP D 73 -6.82 -42.03 -27.04
C ASP D 73 -8.93 -42.24 -29.08
N LYS D 74 -6.27 -42.97 -27.82
N LYS D 74 -8.36 -42.97 -30.05
CA LYS D 74 -6.63 -43.06 -29.24
CA LYS D 74 -8.92 -42.96 -31.40
C LYS D 74 -8.03 -43.64 -29.42
C LYS D 74 -10.31 -43.59 -31.44
N SER D 75 -8.44 -44.57 -28.55
N SER D 75 -10.57 -44.57 -30.56
CA SER D 75 -9.76 -45.17 -28.67
CA SER D 75 -11.85 -45.26 -30.58
C SER D 75 -10.87 -44.13 -28.47
C SER D 75 -13.01 -44.31 -30.27
N THR D 76 -10.66 -43.19 -27.56
N THR D 76 -12.76 -43.28 -29.46
CA THR D 76 -11.67 -42.17 -27.26
CA THR D 76 -13.77 -42.28 -29.17
C THR D 76 -11.36 -40.82 -27.90
C THR D 76 -13.47 -40.93 -29.80
N SER D 77 -10.28 -40.74 -28.69
N SER D 77 -12.23 -40.71 -30.26
CA SER D 77 -9.86 -39.51 -29.39
CA SER D 77 -11.74 -39.46 -30.82
C SER D 77 -9.79 -38.32 -28.43
C SER D 77 -11.60 -38.38 -29.74
N THR D 78 -9.26 -38.55 -27.23
N THR D 78 -10.94 -38.70 -28.63
CA THR D 78 -9.23 -37.53 -26.20
CA THR D 78 -10.72 -37.77 -27.54
C THR D 78 -7.80 -37.28 -25.74
C THR D 78 -9.24 -37.49 -27.37
N ALA D 79 -7.42 -36.02 -25.66
N ALA D 79 -8.92 -36.25 -27.00
CA ALA D 79 -6.15 -35.60 -25.08
CA ALA D 79 -7.64 -35.90 -26.42
C ALA D 79 -6.37 -35.07 -23.66
C ALA D 79 -7.88 -35.48 -24.97
N TYR D 80 -5.32 -35.17 -22.84
N TYR D 80 -6.92 -35.74 -24.10
CA TYR D 80 -5.40 -34.76 -21.44
CA TYR D 80 -7.01 -35.32 -22.70
C TYR D 80 -4.18 -33.95 -21.06
C TYR D 80 -5.72 -34.61 -22.33
N MET D 81 -4.36 -33.06 -20.08
N MET D 81 -5.76 -33.80 -21.26
CA MET D 81 -3.27 -32.30 -19.45
CA MET D 81 -4.57 -33.10 -20.76
C MET D 81 -3.44 -32.38 -17.95
C MET D 81 -4.42 -33.27 -19.24
N GLU D 82 -2.49 -33.02 -17.24
N GLU D 82 -3.25 -33.67 -18.76
CA GLU D 82 -2.47 -32.99 -15.79
CA GLU D 82 -3.11 -33.85 -17.31
C GLU D 82 -1.44 -31.99 -15.33
C GLU D 82 -2.30 -32.70 -16.72
N LEU D 83 -1.92 -30.98 -14.59
N LEU D 83 -2.79 -32.10 -15.63
CA LEU D 83 -1.08 -29.97 -13.96
CA LEU D 83 -2.06 -31.03 -14.94
C LEU D 83 -1.04 -30.30 -12.48
C LEU D 83 -2.13 -31.29 -13.45
N SER D 84 0.05 -30.86 -12.02
N SER D 84 -1.05 -31.81 -12.88
CA SER D 84 0.16 -31.32 -10.65
CA SER D 84 -0.95 -32.08 -11.45
C SER D 84 0.66 -30.18 -9.77
C SER D 84 -0.21 -30.95 -10.75
N SER D 85 0.55 -30.38 -8.46
N SER D 85 -0.24 -30.95 -9.41
CA SER D 85 0.99 -29.38 -7.46
CA SER D 85 0.45 -29.93 -8.54
C SER D 85 0.43 -28.01 -7.83
C SER D 85 0.08 -28.50 -8.95
N LEU D 86 -0.84 -27.90 -8.19
CA LEU D 86 -1.45 -26.65 -8.62
C LEU D 86 -1.22 -25.52 -7.63
N ARG D 87 -1.03 -24.30 -8.16
CA ARG D 87 -0.83 -23.09 -7.34
C ARG D 87 -1.69 -21.95 -7.86
N SER D 88 -1.88 -20.94 -7.01
CA SER D 88 -2.76 -19.83 -7.36
C SER D 88 -2.35 -19.09 -8.63
N GLU D 89 -1.19 -19.40 -9.21
CA GLU D 89 -0.81 -18.84 -10.51
C GLU D 89 -1.28 -19.67 -11.70
N ASP D 90 -1.86 -20.86 -11.46
CA ASP D 90 -2.32 -21.72 -12.54
C ASP D 90 -3.80 -21.51 -12.88
N THR D 91 -4.47 -20.60 -12.19
CA THR D 91 -5.81 -20.18 -12.57
C THR D 91 -5.75 -19.57 -13.96
N ALA D 92 -6.50 -20.14 -14.89
CA ALA D 92 -6.47 -19.70 -16.28
C ALA D 92 -7.57 -20.43 -17.03
N VAL D 93 -7.79 -19.99 -18.26
CA VAL D 93 -8.57 -20.74 -19.24
C VAL D 93 -7.61 -21.63 -20.01
N TYR D 94 -7.94 -22.91 -20.09
CA TYR D 94 -7.09 -23.90 -20.75
C TYR D 94 -7.74 -24.31 -22.05
N TYR D 95 -7.01 -24.18 -23.17
CA TYR D 95 -7.51 -24.55 -24.49
C TYR D 95 -6.75 -25.75 -25.02
N CYS D 96 -7.47 -26.61 -25.72
CA CYS D 96 -6.84 -27.51 -26.67
C CYS D 96 -7.00 -26.99 -28.09
N ALA D 97 -6.05 -27.34 -28.96
CA ALA D 97 -6.03 -26.74 -30.29
C ALA D 97 -5.31 -27.69 -31.23
N ARG D 98 -5.93 -28.00 -32.35
CA ARG D 98 -5.26 -28.79 -33.36
C ARG D 98 -4.29 -27.92 -34.14
N SER D 99 -3.13 -28.49 -34.47
CA SER D 99 -2.19 -27.78 -35.32
C SER D 99 -1.87 -28.63 -36.53
N ILE D 100 -1.26 -27.99 -37.54
CA ILE D 100 -0.96 -28.63 -38.82
C ILE D 100 0.54 -28.59 -39.04
N THR D 101 1.01 -29.11 -40.20
CA THR D 101 2.44 -29.29 -40.43
C THR D 101 3.22 -27.99 -40.43
N THR D 102 2.58 -26.86 -40.70
CA THR D 102 3.23 -25.56 -40.65
C THR D 102 3.16 -24.93 -39.26
N VAL D 103 2.70 -25.67 -38.26
CA VAL D 103 2.78 -25.32 -36.84
C VAL D 103 2.00 -24.03 -36.57
N VAL D 104 0.79 -23.95 -37.10
CA VAL D 104 -0.20 -22.98 -36.66
C VAL D 104 -1.37 -23.76 -36.10
N LEU D 105 -2.09 -23.14 -35.18
CA LEU D 105 -3.18 -23.81 -34.47
C LEU D 105 -4.48 -23.40 -35.17
N ASP D 106 -5.04 -24.31 -35.97
CA ASP D 106 -6.11 -23.91 -36.88
C ASP D 106 -7.52 -24.19 -36.36
N TYR D 107 -7.67 -25.06 -35.37
CA TYR D 107 -8.96 -25.34 -34.74
C TYR D 107 -8.78 -25.39 -33.24
N TRP D 108 -9.68 -24.74 -32.51
CA TRP D 108 -9.56 -24.60 -31.07
C TRP D 108 -10.81 -25.11 -30.37
N GLY D 109 -10.62 -25.71 -29.20
CA GLY D 109 -11.72 -25.98 -28.30
C GLY D 109 -12.24 -24.70 -27.68
N GLN D 110 -13.36 -24.83 -26.97
CA GLN D 110 -14.04 -23.66 -26.42
C GLN D 110 -13.39 -23.14 -25.13
N GLY D 111 -12.44 -23.86 -24.58
CA GLY D 111 -11.72 -23.48 -23.38
C GLY D 111 -12.33 -24.08 -22.13
N THR D 112 -11.48 -24.28 -21.12
CA THR D 112 -11.90 -24.81 -19.82
C THR D 112 -11.39 -23.87 -18.75
N THR D 113 -12.30 -23.33 -17.93
CA THR D 113 -11.87 -22.48 -16.83
C THR D 113 -11.40 -23.34 -15.66
N VAL D 114 -10.20 -23.05 -15.17
CA VAL D 114 -9.63 -23.74 -14.03
C VAL D 114 -9.32 -22.70 -12.97
N THR D 115 -10.01 -22.79 -11.84
CA THR D 115 -9.76 -21.93 -10.70
C THR D 115 -9.05 -22.73 -9.63
N VAL D 116 -7.94 -22.20 -9.11
CA VAL D 116 -7.21 -22.81 -8.02
C VAL D 116 -7.11 -21.81 -6.89
N SER D 117 -7.61 -22.19 -5.72
CA SER D 117 -7.77 -21.31 -4.58
C SER D 117 -8.04 -22.17 -3.36
N SER D 118 -7.67 -21.65 -2.19
CA SER D 118 -7.96 -22.32 -0.93
C SER D 118 -9.36 -21.98 -0.40
N ALA D 119 -10.19 -21.30 -1.19
CA ALA D 119 -11.53 -20.93 -0.75
C ALA D 119 -12.49 -22.10 -0.93
N SER D 120 -13.60 -22.04 -0.20
CA SER D 120 -14.64 -23.06 -0.23
C SER D 120 -15.90 -22.51 -0.88
N THR D 121 -16.67 -23.41 -1.51
CA THR D 121 -17.92 -23.02 -2.17
C THR D 121 -18.82 -22.22 -1.23
N LYS D 122 -19.32 -21.08 -1.72
CA LYS D 122 -20.16 -20.20 -0.93
C LYS D 122 -21.08 -19.39 -1.83
N GLY D 123 -22.38 -19.39 -1.52
CA GLY D 123 -23.33 -18.65 -2.31
C GLY D 123 -23.32 -17.18 -1.94
N PRO D 124 -23.75 -16.32 -2.85
CA PRO D 124 -23.65 -14.87 -2.63
C PRO D 124 -24.67 -14.37 -1.62
N SER D 125 -24.31 -13.26 -0.99
CA SER D 125 -25.30 -12.36 -0.38
C SER D 125 -25.66 -11.32 -1.42
N VAL D 126 -26.95 -10.99 -1.50
CA VAL D 126 -27.43 -10.04 -2.51
C VAL D 126 -28.01 -8.85 -1.76
N PHE D 127 -27.48 -7.67 -2.03
CA PHE D 127 -27.93 -6.45 -1.35
C PHE D 127 -28.46 -5.44 -2.37
N PRO D 128 -29.43 -4.62 -2.00
CA PRO D 128 -29.94 -3.62 -2.95
C PRO D 128 -29.01 -2.43 -3.10
N LEU D 129 -28.96 -1.90 -4.33
CA LEU D 129 -28.36 -0.61 -4.65
C LEU D 129 -29.49 0.35 -5.01
N ALA D 130 -29.81 1.27 -4.10
CA ALA D 130 -30.88 2.21 -4.39
C ALA D 130 -30.51 3.57 -3.83
N PRO D 131 -30.94 4.67 -4.48
CA PRO D 131 -30.52 5.99 -4.00
C PRO D 131 -31.03 6.25 -2.59
N CYS D 132 -30.28 7.11 -1.90
CA CYS D 132 -30.64 7.52 -0.55
C CYS D 132 -32.10 7.94 -0.46
N SER D 133 -32.54 8.82 -1.37
CA SER D 133 -33.94 9.13 -1.50
C SER D 133 -34.29 9.16 -2.99
N ARG D 134 -35.58 9.03 -3.29
CA ARG D 134 -36.03 9.11 -4.67
C ARG D 134 -35.94 10.55 -5.17
N SER D 135 -35.18 10.76 -6.22
CA SER D 135 -35.09 12.06 -6.84
C SER D 135 -36.36 12.33 -7.64
N THR D 136 -36.86 13.55 -7.54
CA THR D 136 -37.95 14.00 -8.39
C THR D 136 -37.55 15.20 -9.24
N SER D 137 -36.24 15.42 -9.37
CA SER D 137 -35.71 16.39 -10.33
C SER D 137 -35.05 15.72 -11.53
N GLU D 138 -34.87 14.40 -11.51
CA GLU D 138 -34.21 13.66 -12.58
C GLU D 138 -35.21 12.74 -13.27
N SER D 139 -35.11 12.64 -14.59
CA SER D 139 -36.05 11.82 -15.35
C SER D 139 -35.69 10.34 -15.38
N THR D 140 -34.46 9.98 -15.00
CA THR D 140 -34.08 8.58 -14.86
C THR D 140 -33.45 8.37 -13.49
N ALA D 141 -33.46 7.11 -13.06
CA ALA D 141 -32.81 6.69 -11.84
C ALA D 141 -32.04 5.42 -12.11
N ALA D 142 -30.93 5.25 -11.40
CA ALA D 142 -30.19 4.01 -11.43
C ALA D 142 -30.54 3.17 -10.21
N LEU D 143 -30.72 1.87 -10.44
CA LEU D 143 -30.92 0.87 -9.39
C LEU D 143 -29.96 -0.27 -9.61
N GLY D 144 -29.75 -1.07 -8.57
CA GLY D 144 -28.87 -2.20 -8.83
C GLY D 144 -28.93 -3.22 -7.72
N CYS D 145 -28.11 -4.25 -7.89
N CYS D 145 -28.12 -4.26 -7.87
CA CYS D 145 -27.88 -5.26 -6.87
CA CYS D 145 -27.92 -5.21 -6.78
C CYS D 145 -26.39 -5.46 -6.71
C CYS D 145 -26.46 -5.61 -6.69
N LEU D 146 -25.97 -5.61 -5.46
CA LEU D 146 -24.60 -5.98 -5.14
C LEU D 146 -24.60 -7.46 -4.78
N VAL D 147 -23.81 -8.23 -5.51
CA VAL D 147 -23.74 -9.68 -5.37
C VAL D 147 -22.39 -9.96 -4.74
N LYS D 148 -22.37 -10.19 -3.43
CA LYS D 148 -21.14 -10.09 -2.66
C LYS D 148 -20.75 -11.43 -2.04
N ASP D 149 -19.44 -11.69 -2.03
CA ASP D 149 -18.83 -12.75 -1.24
C ASP D 149 -19.27 -14.14 -1.67
N TYR D 150 -19.07 -14.49 -2.94
CA TYR D 150 -19.40 -15.82 -3.42
C TYR D 150 -18.15 -16.49 -3.97
N PHE D 151 -18.19 -17.81 -4.02
CA PHE D 151 -17.10 -18.57 -4.63
C PHE D 151 -17.66 -19.93 -5.04
N PRO D 152 -17.27 -20.43 -6.22
CA PRO D 152 -16.41 -19.82 -7.24
C PRO D 152 -17.22 -19.03 -8.26
N GLU D 153 -16.56 -18.53 -9.30
CA GLU D 153 -17.29 -18.06 -10.47
C GLU D 153 -18.00 -19.26 -11.11
N PRO D 154 -19.10 -19.02 -11.85
CA PRO D 154 -19.72 -17.74 -12.14
C PRO D 154 -21.05 -17.55 -11.46
N VAL D 155 -21.56 -16.33 -11.59
N VAL D 155 -21.56 -16.34 -11.56
CA VAL D 155 -22.93 -16.00 -11.23
CA VAL D 155 -22.94 -15.98 -11.20
C VAL D 155 -23.58 -15.38 -12.45
C VAL D 155 -23.58 -15.37 -12.43
N THR D 156 -24.90 -15.53 -12.55
CA THR D 156 -25.68 -14.87 -13.58
C THR D 156 -26.67 -13.91 -12.92
N VAL D 157 -26.90 -12.78 -13.56
CA VAL D 157 -27.85 -11.78 -13.06
C VAL D 157 -28.73 -11.37 -14.22
N SER D 158 -30.04 -11.41 -14.00
CA SER D 158 -30.99 -10.84 -14.94
C SER D 158 -31.87 -9.88 -14.18
N TRP D 159 -32.66 -9.10 -14.91
CA TRP D 159 -33.61 -8.18 -14.30
C TRP D 159 -35.00 -8.49 -14.79
N ASN D 160 -35.96 -8.48 -13.84
CA ASN D 160 -37.37 -8.74 -14.14
C ASN D 160 -37.55 -10.02 -14.95
N SER D 161 -36.84 -11.06 -14.53
CA SER D 161 -36.91 -12.41 -15.11
C SER D 161 -36.65 -12.39 -16.60
N GLY D 162 -35.76 -11.50 -17.04
CA GLY D 162 -35.38 -11.40 -18.43
C GLY D 162 -36.12 -10.34 -19.24
N ALA D 163 -37.17 -9.74 -18.69
CA ALA D 163 -37.95 -8.74 -19.42
C ALA D 163 -37.28 -7.37 -19.48
N LEU D 164 -36.22 -7.15 -18.71
CA LEU D 164 -35.50 -5.89 -18.70
C LEU D 164 -34.05 -6.18 -19.05
N THR D 165 -33.65 -5.80 -20.27
CA THR D 165 -32.26 -5.94 -20.69
C THR D 165 -31.63 -4.63 -21.15
N SER D 166 -32.42 -3.68 -21.64
CA SER D 166 -31.88 -2.41 -22.10
C SER D 166 -31.31 -1.63 -20.92
N GLY D 167 -30.06 -1.19 -21.05
CA GLY D 167 -29.47 -0.36 -20.03
C GLY D 167 -28.95 -1.13 -18.82
N VAL D 168 -28.90 -2.44 -18.87
CA VAL D 168 -28.34 -3.24 -17.80
C VAL D 168 -26.82 -3.28 -17.98
N HIS D 169 -26.09 -3.03 -16.90
CA HIS D 169 -24.65 -3.28 -16.89
C HIS D 169 -24.35 -4.22 -15.74
N THR D 170 -23.88 -5.42 -16.06
CA THR D 170 -23.45 -6.35 -15.03
C THR D 170 -21.93 -6.39 -15.09
N PHE D 171 -21.28 -5.93 -14.03
CA PHE D 171 -19.85 -5.74 -14.07
C PHE D 171 -19.10 -7.05 -13.88
N PRO D 172 -17.88 -7.14 -14.42
CA PRO D 172 -17.02 -8.30 -14.12
C PRO D 172 -16.79 -8.41 -12.62
N ALA D 173 -16.73 -9.65 -12.14
CA ALA D 173 -16.43 -9.87 -10.74
C ALA D 173 -15.01 -9.41 -10.41
N VAL D 174 -14.80 -9.01 -9.16
CA VAL D 174 -13.47 -8.75 -8.64
C VAL D 174 -13.20 -9.75 -7.51
N LEU D 175 -11.95 -10.18 -7.39
CA LEU D 175 -11.54 -11.06 -6.30
C LEU D 175 -11.10 -10.20 -5.13
N GLN D 176 -11.73 -10.41 -3.98
CA GLN D 176 -11.41 -9.64 -2.78
C GLN D 176 -10.27 -10.29 -2.03
N SER D 177 -9.71 -9.56 -1.05
CA SER D 177 -8.60 -10.10 -0.28
C SER D 177 -9.01 -11.31 0.54
N SER D 178 -10.31 -11.52 0.74
CA SER D 178 -10.85 -12.67 1.43
C SER D 178 -10.80 -13.94 0.58
N GLY D 179 -10.53 -13.83 -0.71
CA GLY D 179 -10.65 -14.95 -1.61
C GLY D 179 -12.03 -15.12 -2.21
N LEU D 180 -12.98 -14.27 -1.86
CA LEU D 180 -14.31 -14.35 -2.41
C LEU D 180 -14.49 -13.31 -3.51
N TYR D 181 -15.43 -13.58 -4.41
CA TYR D 181 -15.75 -12.67 -5.51
C TYR D 181 -16.89 -11.73 -5.14
N SER D 182 -16.96 -10.61 -5.84
CA SER D 182 -18.07 -9.68 -5.70
C SER D 182 -18.31 -8.96 -7.01
N LEU D 183 -19.58 -8.69 -7.31
CA LEU D 183 -19.88 -7.80 -8.45
C LEU D 183 -21.17 -7.05 -8.17
N SER D 184 -21.40 -6.01 -8.98
CA SER D 184 -22.69 -5.32 -9.00
C SER D 184 -23.32 -5.42 -10.39
N SER D 185 -24.65 -5.34 -10.41
CA SER D 185 -25.42 -5.24 -11.63
C SER D 185 -26.32 -4.03 -11.48
N VAL D 186 -26.35 -3.15 -12.48
CA VAL D 186 -27.10 -1.91 -12.39
C VAL D 186 -27.99 -1.78 -13.62
N VAL D 187 -29.02 -0.94 -13.48
CA VAL D 187 -29.91 -0.64 -14.59
C VAL D 187 -30.44 0.77 -14.40
N THR D 188 -30.70 1.46 -15.50
N THR D 188 -30.72 1.44 -15.50
CA THR D 188 -31.32 2.78 -15.46
CA THR D 188 -31.33 2.77 -15.49
C THR D 188 -32.79 2.65 -15.87
C THR D 188 -32.80 2.65 -15.88
N VAL D 189 -33.65 3.34 -15.14
CA VAL D 189 -35.10 3.16 -15.28
C VAL D 189 -35.75 4.53 -15.27
N PRO D 190 -36.97 4.64 -15.82
CA PRO D 190 -37.65 5.94 -15.84
C PRO D 190 -38.14 6.30 -14.44
N SER D 191 -37.90 7.54 -14.05
CA SER D 191 -38.44 8.01 -12.77
C SER D 191 -39.97 8.08 -12.78
N SER D 192 -40.56 8.41 -13.93
CA SER D 192 -41.99 8.72 -14.00
C SER D 192 -42.86 7.50 -13.71
N SER D 193 -42.31 6.29 -13.84
CA SER D 193 -43.04 5.07 -13.55
C SER D 193 -42.46 4.30 -12.38
N LEU D 194 -41.54 4.90 -11.62
CA LEU D 194 -41.12 4.30 -10.37
C LEU D 194 -42.30 4.21 -9.41
N GLY D 195 -42.22 3.30 -8.45
CA GLY D 195 -43.31 3.17 -7.50
C GLY D 195 -44.62 2.68 -8.07
N THR D 196 -44.70 2.46 -9.38
CA THR D 196 -45.72 1.61 -9.98
C THR D 196 -45.12 0.43 -10.74
N LYS D 197 -43.92 0.56 -11.30
CA LYS D 197 -43.24 -0.58 -11.89
C LYS D 197 -42.21 -1.13 -10.90
N THR D 198 -42.07 -2.45 -10.87
CA THR D 198 -41.12 -3.09 -9.98
C THR D 198 -39.87 -3.50 -10.74
N TYR D 199 -38.75 -3.51 -10.02
CA TYR D 199 -37.46 -3.88 -10.57
C TYR D 199 -36.81 -4.89 -9.63
N THR D 200 -36.54 -6.08 -10.15
CA THR D 200 -36.11 -7.20 -9.34
C THR D 200 -34.89 -7.80 -10.03
N CYS D 201 -33.79 -7.93 -9.31
N CYS D 201 -33.81 -8.00 -9.29
CA CYS D 201 -32.66 -8.64 -9.87
CA CYS D 201 -32.62 -8.62 -9.85
C CYS D 201 -32.79 -10.13 -9.54
C CYS D 201 -32.61 -10.11 -9.49
N ASN D 202 -32.41 -10.96 -10.50
CA ASN D 202 -32.50 -12.41 -10.38
C ASN D 202 -31.10 -12.95 -10.42
N VAL D 203 -30.62 -13.48 -9.30
CA VAL D 203 -29.24 -13.93 -9.15
C VAL D 203 -29.22 -15.45 -9.05
N ASP D 204 -28.38 -16.10 -9.88
CA ASP D 204 -28.24 -17.54 -9.87
C ASP D 204 -26.76 -17.90 -9.72
N HIS D 205 -26.43 -18.63 -8.66
CA HIS D 205 -25.07 -19.11 -8.43
C HIS D 205 -25.16 -20.63 -8.42
N LYS D 206 -25.05 -21.23 -9.61
CA LYS D 206 -25.25 -22.66 -9.73
C LYS D 206 -24.26 -23.51 -8.92
N PRO D 207 -22.97 -23.13 -8.79
CA PRO D 207 -22.08 -23.94 -7.94
C PRO D 207 -22.57 -24.19 -6.52
N SER D 208 -23.35 -23.28 -5.95
CA SER D 208 -23.92 -23.49 -4.62
C SER D 208 -25.42 -23.77 -4.67
N ASN D 209 -25.99 -23.93 -5.86
CA ASN D 209 -27.42 -24.15 -6.02
C ASN D 209 -28.22 -23.05 -5.33
N THR D 210 -27.75 -21.81 -5.45
CA THR D 210 -28.36 -20.66 -4.79
C THR D 210 -29.01 -19.77 -5.84
N LYS D 211 -30.29 -19.46 -5.63
CA LYS D 211 -31.00 -18.48 -6.45
C LYS D 211 -31.69 -17.50 -5.51
N VAL D 212 -31.59 -16.21 -5.84
CA VAL D 212 -32.23 -15.15 -5.07
C VAL D 212 -32.89 -14.19 -6.05
N ASP D 213 -34.12 -13.77 -5.73
CA ASP D 213 -34.71 -12.63 -6.42
C ASP D 213 -34.83 -11.48 -5.43
N LYS D 214 -34.26 -10.32 -5.77
CA LYS D 214 -34.22 -9.16 -4.87
C LYS D 214 -34.94 -7.99 -5.54
N ARG D 215 -36.08 -7.62 -4.98
CA ARG D 215 -36.83 -6.45 -5.39
C ARG D 215 -36.12 -5.21 -4.83
N VAL D 216 -35.78 -4.26 -5.69
CA VAL D 216 -34.96 -3.10 -5.31
C VAL D 216 -35.81 -1.84 -5.31
N GLU D 217 -35.80 -1.11 -4.19
CA GLU D 217 -36.48 0.17 -4.12
C GLU D 217 -35.87 1.01 -3.00
N SER D 218 -35.90 2.34 -3.19
CA SER D 218 -35.50 3.24 -2.12
C SER D 218 -36.47 3.13 -0.95
N LYS D 219 -35.94 3.19 0.25
CA LYS D 219 -36.77 3.19 1.45
C LYS D 219 -37.11 4.63 1.84
N GLY E 1 6.27 41.04 46.50
CA GLY E 1 6.87 42.36 46.56
C GLY E 1 8.25 42.37 47.18
N ASN E 2 9.18 41.64 46.56
CA ASN E 2 10.55 41.60 47.06
C ASN E 2 11.48 41.32 45.89
N LYS E 3 12.31 42.30 45.54
CA LYS E 3 13.25 42.20 44.43
C LYS E 3 14.52 41.43 44.79
N LEU E 4 14.74 41.16 46.07
CA LEU E 4 15.97 40.51 46.51
C LEU E 4 16.20 39.18 45.81
N GLN E 5 17.44 38.92 45.41
CA GLN E 5 17.84 37.63 44.88
C GLN E 5 19.12 37.22 45.57
N VAL E 6 19.04 36.18 46.41
CA VAL E 6 20.17 35.70 47.19
C VAL E 6 21.04 34.83 46.30
N LEU E 7 22.20 35.35 45.92
CA LEU E 7 23.18 34.63 45.11
C LEU E 7 24.41 34.32 45.94
N GLY E 8 24.91 33.10 45.80
CA GLY E 8 25.97 32.62 46.68
C GLY E 8 27.22 33.47 46.65
N LYS E 9 27.58 33.98 45.46
CA LYS E 9 28.79 34.80 45.36
C LYS E 9 28.72 36.01 46.28
N ASP E 10 27.51 36.49 46.59
CA ASP E 10 27.38 37.66 47.44
C ASP E 10 27.60 37.36 48.92
N LEU E 11 27.67 36.10 49.32
CA LEU E 11 27.96 35.76 50.72
C LEU E 11 29.44 35.53 50.99
N LEU E 12 30.30 35.67 49.97
CA LEU E 12 31.72 35.35 50.11
C LEU E 12 32.46 36.29 51.05
N LEU E 13 33.54 35.78 51.63
CA LEU E 13 34.49 36.54 52.44
C LEU E 13 35.93 36.34 51.94
N PRO E 14 36.69 37.44 51.78
CA PRO E 14 36.29 38.83 52.05
C PRO E 14 35.33 39.36 51.01
N GLN E 15 34.56 40.38 51.36
CA GLN E 15 33.56 40.91 50.45
C GLN E 15 34.19 41.85 49.42
N GLY F 1 -3.35 -38.45 -42.88
CA GLY F 1 -2.73 -37.50 -41.97
C GLY F 1 -1.26 -37.28 -42.21
N ASN F 2 -0.60 -36.54 -41.31
CA ASN F 2 0.81 -36.21 -41.47
C ASN F 2 1.44 -35.70 -40.16
N LYS F 3 2.59 -36.26 -39.79
CA LYS F 3 3.28 -35.91 -38.55
C LYS F 3 4.24 -34.73 -38.69
N LEU F 4 4.56 -34.30 -39.92
CA LEU F 4 5.55 -33.25 -40.14
C LEU F 4 5.23 -31.99 -39.33
N GLN F 5 6.25 -31.39 -38.74
CA GLN F 5 6.17 -30.06 -38.10
C GLN F 5 7.33 -29.19 -38.62
N VAL F 6 7.06 -28.24 -39.51
CA VAL F 6 8.09 -27.40 -40.11
C VAL F 6 8.44 -26.28 -39.14
N LEU F 7 9.63 -26.34 -38.56
CA LEU F 7 10.14 -25.31 -37.66
C LEU F 7 11.26 -24.55 -38.37
N GLY F 8 11.21 -23.22 -38.28
CA GLY F 8 12.11 -22.40 -39.06
C GLY F 8 13.58 -22.74 -38.85
N LYS F 9 13.95 -23.02 -37.60
CA LYS F 9 15.36 -23.30 -37.32
C LYS F 9 15.83 -24.57 -38.02
N ASP F 10 14.91 -25.48 -38.37
CA ASP F 10 15.31 -26.68 -39.11
C ASP F 10 15.72 -26.35 -40.53
N LEU F 11 15.41 -25.16 -41.03
CA LEU F 11 15.75 -24.78 -42.39
C LEU F 11 17.02 -23.94 -42.47
N LEU F 12 17.75 -23.80 -41.35
CA LEU F 12 19.08 -23.21 -41.35
C LEU F 12 20.15 -24.22 -41.77
N LEU F 13 21.40 -23.86 -41.49
CA LEU F 13 22.58 -24.71 -41.60
C LEU F 13 23.62 -24.17 -40.62
N PRO F 14 24.52 -25.03 -40.11
CA PRO F 14 24.66 -26.49 -40.27
C PRO F 14 23.64 -27.31 -39.46
N GLN F 15 23.28 -28.47 -40.02
CA GLN F 15 22.30 -29.35 -39.38
C GLN F 15 22.91 -30.07 -38.18
#